data_2JF1
# 
_entry.id   2JF1 
# 
_audit_conform.dict_name       mmcif_pdbx.dic 
_audit_conform.dict_version    5.382 
_audit_conform.dict_location   http://mmcif.pdb.org/dictionaries/ascii/mmcif_pdbx.dic 
# 
loop_
_database_2.database_id 
_database_2.database_code 
_database_2.pdbx_database_accession 
_database_2.pdbx_DOI 
PDB   2JF1         pdb_00002jf1 10.2210/pdb2jf1/pdb 
PDBE  EBI-31213    ?            ?                   
WWPDB D_1290031213 ?            ?                   
# 
loop_
_pdbx_database_related.db_name 
_pdbx_database_related.db_id 
_pdbx_database_related.content_type 
_pdbx_database_related.details 
PDB 1JX3 unspecified 'THEORETICAL MODEL OF THE INTEGRIN BETA2 I- LIKE DOMAIN' 
PDB 1L3Y unspecified 'INTEGRIN EGF-LIKE MODULE 3 FROM THE BETA- 2 SUBUNIT' 
PDB 1YUK unspecified 
'THE CRYSTAL STRUCTURE OF THE PSI/HYBRID DOMAIN/ I-EGF1SEGMENT FROM THE HUMAN INTEGRIN BETA2 AT 1.8 RESOLUTION' 
# 
_pdbx_database_status.status_code                     REL 
_pdbx_database_status.entry_id                        2JF1 
_pdbx_database_status.deposit_site                    PDBE 
_pdbx_database_status.process_site                    PDBE 
_pdbx_database_status.SG_entry                        . 
_pdbx_database_status.recvd_initial_deposition_date   2007-01-25 
_pdbx_database_status.pdb_format_compatible           Y 
_pdbx_database_status.status_code_sf                  ? 
_pdbx_database_status.status_code_mr                  ? 
_pdbx_database_status.status_code_cs                  ? 
_pdbx_database_status.methods_development_category    ? 
_pdbx_database_status.status_code_nmr_data            ? 
# 
loop_
_audit_author.name 
_audit_author.pdbx_ordinal 
'Kiema, T.'  1 
'Ylanne, J.' 2 
# 
_citation.id                        primary 
_citation.title                     
'Beta2 Integrin Phosphorylation on Thr758 Acts as a Molecular Switch to Regulate 14-3-3 and Filamin Binding.' 
_citation.journal_abbrev            Blood 
_citation.journal_volume            112 
_citation.page_first                1853 
_citation.page_last                 ? 
_citation.year                      2008 
_citation.journal_id_ASTM           ? 
_citation.country                   US 
_citation.journal_id_ISSN           0006-4971 
_citation.journal_id_CSD            ? 
_citation.book_publisher            ? 
_citation.pdbx_database_id_PubMed   18550856 
_citation.pdbx_database_id_DOI      10.1182/BLOOD-2007-12-127795 
# 
loop_
_citation_author.citation_id 
_citation_author.name 
_citation_author.ordinal 
_citation_author.identifier_ORCID 
primary 'Takala, H.'      1  ? 
primary 'Nurminen, E.'    2  ? 
primary 'Nurmi, S.M.'     3  ? 
primary 'Aatonen, M.'     4  ? 
primary 'Strandin, T.'    5  ? 
primary 'Takatalo, M.'    6  ? 
primary 'Kiema, T.'       7  ? 
primary 'Gahmberg, C.G.'  8  ? 
primary 'Ylanne, J.'      9  ? 
primary 'Fagerholm, S.C.' 10 ? 
# 
_cell.entry_id           2JF1 
_cell.length_a           78.720 
_cell.length_b           78.720 
_cell.length_c           78.720 
_cell.angle_alpha        90.00 
_cell.angle_beta         90.00 
_cell.angle_gamma        90.00 
_cell.Z_PDB              12 
_cell.pdbx_unique_axis   ? 
# 
_symmetry.entry_id                         2JF1 
_symmetry.space_group_name_H-M             'P 21 3' 
_symmetry.pdbx_full_space_group_name_H-M   ? 
_symmetry.cell_setting                     ? 
_symmetry.Int_Tables_number                198 
# 
loop_
_entity.id 
_entity.type 
_entity.src_method 
_entity.pdbx_description 
_entity.formula_weight 
_entity.pdbx_number_of_molecules 
_entity.pdbx_ec 
_entity.pdbx_mutation 
_entity.pdbx_fragment 
_entity.details 
1 polymer     man FILAMIN-A                 9964.994 1  ? ? 'IG 21, RESIDUES 2236-2329' ? 
2 polymer     syn 'INTEGRIN BETA-2 SUBUNIT' 4213.747 1  ? ? 'RESIDUES 735-769'          ? 
3 non-polymer syn GLYCEROL                  92.094   1  ? ? ?                           ? 
4 water       nat water                     18.015   19 ? ? ?                           ? 
# 
loop_
_entity_name_com.entity_id 
_entity_name_com.name 
1 'ALPHA-FILAMIN, FILAMIN-1, ENDOTHELIAL ACTIN-BINDING PROTEIN, ACTIN-BINDING PROTEIN 280, ABP-280, NONMUSCLE FILAMIN'    
2 'CELL SURFACE ADHESION GLYCOPROTEINS LFA-1/CR3/P150,95 SUBUNIT BETA, COMPLEMENT RECEPTOR C3 SUBUNIT BETA, CD18 ANTIGEN' 
# 
loop_
_entity_poly.entity_id 
_entity_poly.type 
_entity_poly.nstd_linkage 
_entity_poly.nstd_monomer 
_entity_poly.pdbx_seq_one_letter_code 
_entity_poly.pdbx_seq_one_letter_code_can 
_entity_poly.pdbx_strand_id 
_entity_poly.pdbx_target_identifier 
1 'polypeptide(L)' no no 
;GAMGGAHKVRAGGPGLERAEAGVPAEFSIWTREAGAGGLAIAVEGPSKAEISFEDRKDGSCGVAYVVQEPGDYEVSVKFN
EEHIPDSPFVVPVASPS
;
;GAMGGAHKVRAGGPGLERAEAGVPAEFSIWTREAGAGGLAIAVEGPSKAEISFEDRKDGSCGVAYVVQEPGDYEVSVKFN
EEHIPDSPFVVPVASPS
;
A ? 
2 'polypeptide(L)' no no YRRFEKEKLKSQWNNDNPLFKSATTTVMNPKFAES                                                                  
YRRFEKEKLKSQWNNDNPLFKSATTTVMNPKFAES                                                                  T ? 
# 
loop_
_entity_poly_seq.entity_id 
_entity_poly_seq.num 
_entity_poly_seq.mon_id 
_entity_poly_seq.hetero 
1 1  GLY n 
1 2  ALA n 
1 3  MET n 
1 4  GLY n 
1 5  GLY n 
1 6  ALA n 
1 7  HIS n 
1 8  LYS n 
1 9  VAL n 
1 10 ARG n 
1 11 ALA n 
1 12 GLY n 
1 13 GLY n 
1 14 PRO n 
1 15 GLY n 
1 16 LEU n 
1 17 GLU n 
1 18 ARG n 
1 19 ALA n 
1 20 GLU n 
1 21 ALA n 
1 22 GLY n 
1 23 VAL n 
1 24 PRO n 
1 25 ALA n 
1 26 GLU n 
1 27 PHE n 
1 28 SER n 
1 29 ILE n 
1 30 TRP n 
1 31 THR n 
1 32 ARG n 
1 33 GLU n 
1 34 ALA n 
1 35 GLY n 
1 36 ALA n 
1 37 GLY n 
1 38 GLY n 
1 39 LEU n 
1 40 ALA n 
1 41 ILE n 
1 42 ALA n 
1 43 VAL n 
1 44 GLU n 
1 45 GLY n 
1 46 PRO n 
1 47 SER n 
1 48 LYS n 
1 49 ALA n 
1 50 GLU n 
1 51 ILE n 
1 52 SER n 
1 53 PHE n 
1 54 GLU n 
1 55 ASP n 
1 56 ARG n 
1 57 LYS n 
1 58 ASP n 
1 59 GLY n 
1 60 SER n 
1 61 CYS n 
1 62 GLY n 
1 63 VAL n 
1 64 ALA n 
1 65 TYR n 
1 66 VAL n 
1 67 VAL n 
1 68 GLN n 
1 69 GLU n 
1 70 PRO n 
1 71 GLY n 
1 72 ASP n 
1 73 TYR n 
1 74 GLU n 
1 75 VAL n 
1 76 SER n 
1 77 VAL n 
1 78 LYS n 
1 79 PHE n 
1 80 ASN n 
1 81 GLU n 
1 82 GLU n 
1 83 HIS n 
1 84 ILE n 
1 85 PRO n 
1 86 ASP n 
1 87 SER n 
1 88 PRO n 
1 89 PHE n 
1 90 VAL n 
1 91 VAL n 
1 92 PRO n 
1 93 VAL n 
1 94 ALA n 
1 95 SER n 
1 96 PRO n 
1 97 SER n 
2 1  TYR n 
2 2  ARG n 
2 3  ARG n 
2 4  PHE n 
2 5  GLU n 
2 6  LYS n 
2 7  GLU n 
2 8  LYS n 
2 9  LEU n 
2 10 LYS n 
2 11 SER n 
2 12 GLN n 
2 13 TRP n 
2 14 ASN n 
2 15 ASN n 
2 16 ASP n 
2 17 ASN n 
2 18 PRO n 
2 19 LEU n 
2 20 PHE n 
2 21 LYS n 
2 22 SER n 
2 23 ALA n 
2 24 THR n 
2 25 THR n 
2 26 THR n 
2 27 VAL n 
2 28 MET n 
2 29 ASN n 
2 30 PRO n 
2 31 LYS n 
2 32 PHE n 
2 33 ALA n 
2 34 GLU n 
2 35 SER n 
# 
_entity_src_gen.entity_id                          1 
_entity_src_gen.pdbx_src_id                        1 
_entity_src_gen.pdbx_alt_source_flag               sample 
_entity_src_gen.pdbx_seq_type                      ? 
_entity_src_gen.pdbx_beg_seq_num                   ? 
_entity_src_gen.pdbx_end_seq_num                   ? 
_entity_src_gen.gene_src_common_name               HUMAN 
_entity_src_gen.gene_src_genus                     ? 
_entity_src_gen.pdbx_gene_src_gene                 ? 
_entity_src_gen.gene_src_species                   ? 
_entity_src_gen.gene_src_strain                    ? 
_entity_src_gen.gene_src_tissue                    ? 
_entity_src_gen.gene_src_tissue_fraction           ? 
_entity_src_gen.gene_src_details                   ? 
_entity_src_gen.pdbx_gene_src_fragment             ? 
_entity_src_gen.pdbx_gene_src_scientific_name      'HOMO SAPIENS' 
_entity_src_gen.pdbx_gene_src_ncbi_taxonomy_id     9606 
_entity_src_gen.pdbx_gene_src_variant              ? 
_entity_src_gen.pdbx_gene_src_cell_line            ? 
_entity_src_gen.pdbx_gene_src_atcc                 ? 
_entity_src_gen.pdbx_gene_src_organ                ? 
_entity_src_gen.pdbx_gene_src_organelle            ? 
_entity_src_gen.pdbx_gene_src_cell                 ? 
_entity_src_gen.pdbx_gene_src_cellular_location    ? 
_entity_src_gen.host_org_common_name               ? 
_entity_src_gen.pdbx_host_org_scientific_name      'ESCHERICHIA COLI' 
_entity_src_gen.pdbx_host_org_ncbi_taxonomy_id     511693 
_entity_src_gen.host_org_genus                     ? 
_entity_src_gen.pdbx_host_org_gene                 ? 
_entity_src_gen.pdbx_host_org_organ                ? 
_entity_src_gen.host_org_species                   ? 
_entity_src_gen.pdbx_host_org_tissue               ? 
_entity_src_gen.pdbx_host_org_tissue_fraction      ? 
_entity_src_gen.pdbx_host_org_strain               BL21 
_entity_src_gen.pdbx_host_org_variant              ? 
_entity_src_gen.pdbx_host_org_cell_line            ? 
_entity_src_gen.pdbx_host_org_atcc                 ? 
_entity_src_gen.pdbx_host_org_culture_collection   ? 
_entity_src_gen.pdbx_host_org_cell                 ? 
_entity_src_gen.pdbx_host_org_organelle            ? 
_entity_src_gen.pdbx_host_org_cellular_location    ? 
_entity_src_gen.pdbx_host_org_vector_type          ? 
_entity_src_gen.pdbx_host_org_vector               ? 
_entity_src_gen.host_org_details                   ? 
_entity_src_gen.expression_system_id               ? 
_entity_src_gen.plasmid_name                       PGEX4T-3 
_entity_src_gen.plasmid_details                    ? 
_entity_src_gen.pdbx_description                   ? 
# 
_pdbx_entity_src_syn.entity_id              2 
_pdbx_entity_src_syn.pdbx_src_id            1 
_pdbx_entity_src_syn.pdbx_alt_source_flag   sample 
_pdbx_entity_src_syn.pdbx_beg_seq_num       ? 
_pdbx_entity_src_syn.pdbx_end_seq_num       ? 
_pdbx_entity_src_syn.organism_scientific    'HOMO SAPIENS' 
_pdbx_entity_src_syn.organism_common_name   HUMAN 
_pdbx_entity_src_syn.ncbi_taxonomy_id       9606 
_pdbx_entity_src_syn.details                ? 
# 
loop_
_struct_ref.id 
_struct_ref.db_name 
_struct_ref.db_code 
_struct_ref.entity_id 
_struct_ref.pdbx_seq_one_letter_code 
_struct_ref.pdbx_align_begin 
_struct_ref.pdbx_db_accession 
_struct_ref.pdbx_db_isoform 
1 PDB 2JF1       1 ? ? 2JF1   ? 
2 UNP FLNA_HUMAN 1 ? ? P21333 ? 
3 UNP ITB2_HUMAN 2 ? ? P05107 ? 
# 
loop_
_struct_ref_seq.align_id 
_struct_ref_seq.ref_id 
_struct_ref_seq.pdbx_PDB_id_code 
_struct_ref_seq.pdbx_strand_id 
_struct_ref_seq.seq_align_beg 
_struct_ref_seq.pdbx_seq_align_beg_ins_code 
_struct_ref_seq.seq_align_end 
_struct_ref_seq.pdbx_seq_align_end_ins_code 
_struct_ref_seq.pdbx_db_accession 
_struct_ref_seq.db_align_beg 
_struct_ref_seq.pdbx_db_align_beg_ins_code 
_struct_ref_seq.db_align_end 
_struct_ref_seq.pdbx_db_align_end_ins_code 
_struct_ref_seq.pdbx_auth_seq_align_beg 
_struct_ref_seq.pdbx_auth_seq_align_end 
1 1 2JF1 A 1 ? 3  ? 2JF1   2233 ? 2235 ? 2233 2235 
2 2 2JF1 A 4 ? 97 ? P21333 2236 ? 2329 ? 2236 2329 
3 3 2JF1 T 1 ? 35 ? P05107 735  ? 769  ? 735  769  
# 
loop_
_chem_comp.id 
_chem_comp.type 
_chem_comp.mon_nstd_flag 
_chem_comp.name 
_chem_comp.pdbx_synonyms 
_chem_comp.formula 
_chem_comp.formula_weight 
ALA 'L-peptide linking' y ALANINE         ?                               'C3 H7 N O2'     89.093  
ARG 'L-peptide linking' y ARGININE        ?                               'C6 H15 N4 O2 1' 175.209 
ASN 'L-peptide linking' y ASPARAGINE      ?                               'C4 H8 N2 O3'    132.118 
ASP 'L-peptide linking' y 'ASPARTIC ACID' ?                               'C4 H7 N O4'     133.103 
CYS 'L-peptide linking' y CYSTEINE        ?                               'C3 H7 N O2 S'   121.158 
GLN 'L-peptide linking' y GLUTAMINE       ?                               'C5 H10 N2 O3'   146.144 
GLU 'L-peptide linking' y 'GLUTAMIC ACID' ?                               'C5 H9 N O4'     147.129 
GLY 'peptide linking'   y GLYCINE         ?                               'C2 H5 N O2'     75.067  
GOL non-polymer         . GLYCEROL        'GLYCERIN; PROPANE-1,2,3-TRIOL' 'C3 H8 O3'       92.094  
HIS 'L-peptide linking' y HISTIDINE       ?                               'C6 H10 N3 O2 1' 156.162 
HOH non-polymer         . WATER           ?                               'H2 O'           18.015  
ILE 'L-peptide linking' y ISOLEUCINE      ?                               'C6 H13 N O2'    131.173 
LEU 'L-peptide linking' y LEUCINE         ?                               'C6 H13 N O2'    131.173 
LYS 'L-peptide linking' y LYSINE          ?                               'C6 H15 N2 O2 1' 147.195 
MET 'L-peptide linking' y METHIONINE      ?                               'C5 H11 N O2 S'  149.211 
PHE 'L-peptide linking' y PHENYLALANINE   ?                               'C9 H11 N O2'    165.189 
PRO 'L-peptide linking' y PROLINE         ?                               'C5 H9 N O2'     115.130 
SER 'L-peptide linking' y SERINE          ?                               'C3 H7 N O3'     105.093 
THR 'L-peptide linking' y THREONINE       ?                               'C4 H9 N O3'     119.119 
TRP 'L-peptide linking' y TRYPTOPHAN      ?                               'C11 H12 N2 O2'  204.225 
TYR 'L-peptide linking' y TYROSINE        ?                               'C9 H11 N O3'    181.189 
VAL 'L-peptide linking' y VALINE          ?                               'C5 H11 N O2'    117.146 
# 
_exptl.entry_id          2JF1 
_exptl.method            'X-RAY DIFFRACTION' 
_exptl.crystals_number   1 
# 
_exptl_crystal.id                    1 
_exptl_crystal.density_meas          ? 
_exptl_crystal.density_Matthews      3.91 
_exptl_crystal.density_percent_sol   68.32 
_exptl_crystal.description           NONE 
# 
_exptl_crystal_grow.crystal_id      1 
_exptl_crystal_grow.method          ? 
_exptl_crystal_grow.temp            ? 
_exptl_crystal_grow.temp_details    ? 
_exptl_crystal_grow.pH              4.6 
_exptl_crystal_grow.pdbx_pH_range   ? 
_exptl_crystal_grow.pdbx_details    '1.6-1.58 M AMMONIUM SULPHATE, 0.1 M NA-ACETATE PH 4.6' 
# 
_diffrn.id                     1 
_diffrn.ambient_temp           100 
_diffrn.ambient_temp_details   ? 
_diffrn.crystal_id             1 
# 
_diffrn_detector.diffrn_id              1 
_diffrn_detector.detector               CCD 
_diffrn_detector.type                   MARRESEARCH 
_diffrn_detector.pdbx_collection_date   2005-11-25 
_diffrn_detector.details                MIRROR 
# 
_diffrn_radiation.diffrn_id                        1 
_diffrn_radiation.wavelength_id                    1 
_diffrn_radiation.pdbx_monochromatic_or_laue_m_l   M 
_diffrn_radiation.monochromator                    'SI(111)' 
_diffrn_radiation.pdbx_diffrn_protocol             'SINGLE WAVELENGTH' 
_diffrn_radiation.pdbx_scattering_type             x-ray 
# 
_diffrn_radiation_wavelength.id           1 
_diffrn_radiation_wavelength.wavelength   0.976 
_diffrn_radiation_wavelength.wt           1.0 
# 
_diffrn_source.diffrn_id                   1 
_diffrn_source.source                      SYNCHROTRON 
_diffrn_source.type                        'ESRF BEAMLINE ID23-1' 
_diffrn_source.pdbx_synchrotron_site       ESRF 
_diffrn_source.pdbx_synchrotron_beamline   ID23-1 
_diffrn_source.pdbx_wavelength             0.976 
_diffrn_source.pdbx_wavelength_list        ? 
# 
_reflns.pdbx_diffrn_id               1 
_reflns.pdbx_ordinal                 1 
_reflns.entry_id                     2JF1 
_reflns.observed_criterion_sigma_I   0.0 
_reflns.observed_criterion_sigma_F   ? 
_reflns.d_resolution_low             45.46 
_reflns.d_resolution_high            2.20 
_reflns.number_obs                   8482 
_reflns.number_all                   ? 
_reflns.percent_possible_obs         99.8 
_reflns.pdbx_Rmerge_I_obs            0.07 
_reflns.pdbx_Rsym_value              ? 
_reflns.pdbx_netI_over_sigmaI        25.40 
_reflns.B_iso_Wilson_estimate        ? 
_reflns.pdbx_redundancy              14 
# 
_reflns_shell.pdbx_diffrn_id         1 
_reflns_shell.pdbx_ordinal           1 
_reflns_shell.d_res_high             2.20 
_reflns_shell.d_res_low              2.26 
_reflns_shell.percent_possible_all   100.0 
_reflns_shell.Rmerge_I_obs           0.46 
_reflns_shell.pdbx_Rsym_value        ? 
_reflns_shell.meanI_over_sigI_obs    6.20 
_reflns_shell.pdbx_redundancy        14.2 
# 
_refine.pdbx_refine_id                           'X-RAY DIFFRACTION' 
_refine.entry_id                                 2JF1 
_refine.pdbx_diffrn_id                           1 
_refine.pdbx_TLS_residual_ADP_flag               ? 
_refine.ls_number_reflns_obs                     7633 
_refine.ls_number_reflns_all                     ? 
_refine.pdbx_ls_sigma_I                          ? 
_refine.pdbx_ls_sigma_F                          ? 
_refine.pdbx_data_cutoff_high_absF               ? 
_refine.pdbx_data_cutoff_low_absF                ? 
_refine.pdbx_data_cutoff_high_rms_absF           ? 
_refine.ls_d_res_low                             45.45 
_refine.ls_d_res_high                            2.20 
_refine.ls_percent_reflns_obs                    100.0 
_refine.ls_R_factor_obs                          0.250 
_refine.ls_R_factor_all                          ? 
_refine.ls_R_factor_R_work                       0.247 
_refine.ls_R_factor_R_free                       0.278 
_refine.ls_R_factor_R_free_error                 ? 
_refine.ls_R_factor_R_free_error_details         ? 
_refine.ls_percent_reflns_R_free                 10.000 
_refine.ls_number_reflns_R_free                  849 
_refine.ls_number_parameters                     ? 
_refine.ls_number_restraints                     ? 
_refine.occupancy_min                            ? 
_refine.occupancy_max                            ? 
_refine.correlation_coeff_Fo_to_Fc               0.926 
_refine.correlation_coeff_Fo_to_Fc_free          0.911 
_refine.B_iso_mean                               42.61 
_refine.aniso_B[1][1]                            ? 
_refine.aniso_B[2][2]                            ? 
_refine.aniso_B[3][3]                            ? 
_refine.aniso_B[1][2]                            ? 
_refine.aniso_B[1][3]                            ? 
_refine.aniso_B[2][3]                            ? 
_refine.solvent_model_details                    MASK 
_refine.solvent_model_param_ksol                 ? 
_refine.solvent_model_param_bsol                 ? 
_refine.pdbx_solvent_vdw_probe_radii             1.40 
_refine.pdbx_solvent_ion_probe_radii             0.80 
_refine.pdbx_solvent_shrinkage_radii             0.80 
_refine.pdbx_ls_cross_valid_method               THROUGHOUT 
_refine.details                                  'HYDROGENS HAVE BEEN ADDED IN THE RIDING POSITIONS' 
_refine.pdbx_starting_model                      'PDB ENTRY 2BRQ' 
_refine.pdbx_method_to_determine_struct          'MOLECULAR REPLACEMENT' 
_refine.pdbx_isotropic_thermal_model             ? 
_refine.pdbx_stereochemistry_target_values       'MAXIMUM LIKELIHOOD' 
_refine.pdbx_stereochem_target_val_spec_case     ? 
_refine.pdbx_R_Free_selection_details            RANDOM 
_refine.pdbx_overall_ESU_R                       0.224 
_refine.pdbx_overall_ESU_R_Free                  0.197 
_refine.overall_SU_ML                            0.127 
_refine.pdbx_overall_phase_error                 ? 
_refine.overall_SU_B                             4.770 
_refine.overall_SU_R_Cruickshank_DPI             ? 
_refine.pdbx_overall_SU_R_free_Cruickshank_DPI   ? 
_refine.pdbx_overall_SU_R_Blow_DPI               ? 
_refine.pdbx_overall_SU_R_free_Blow_DPI          ? 
# 
_refine_hist.pdbx_refine_id                   'X-RAY DIFFRACTION' 
_refine_hist.cycle_id                         LAST 
_refine_hist.pdbx_number_atoms_protein        717 
_refine_hist.pdbx_number_atoms_nucleic_acid   0 
_refine_hist.pdbx_number_atoms_ligand         6 
_refine_hist.number_atoms_solvent             19 
_refine_hist.number_atoms_total               742 
_refine_hist.d_res_high                       2.20 
_refine_hist.d_res_low                        45.45 
# 
loop_
_refine_ls_restr.type 
_refine_ls_restr.dev_ideal 
_refine_ls_restr.dev_ideal_target 
_refine_ls_restr.weight 
_refine_ls_restr.number 
_refine_ls_restr.pdbx_refine_id 
_refine_ls_restr.pdbx_restraint_function 
r_bond_refined_d             0.019  0.022  ? 738  'X-RAY DIFFRACTION' ? 
r_bond_other_d               ?      ?      ? ?    'X-RAY DIFFRACTION' ? 
r_angle_refined_deg          1.888  1.964  ? 1000 'X-RAY DIFFRACTION' ? 
r_angle_other_deg            ?      ?      ? ?    'X-RAY DIFFRACTION' ? 
r_dihedral_angle_1_deg       7.420  5.000  ? 95   'X-RAY DIFFRACTION' ? 
r_dihedral_angle_2_deg       31.854 24.483 ? 29   'X-RAY DIFFRACTION' ? 
r_dihedral_angle_3_deg       20.760 15.000 ? 105  'X-RAY DIFFRACTION' ? 
r_dihedral_angle_4_deg       22.931 15.000 ? 3    'X-RAY DIFFRACTION' ? 
r_chiral_restr               0.127  0.200  ? 110  'X-RAY DIFFRACTION' ? 
r_gen_planes_refined         0.008  0.020  ? 564  'X-RAY DIFFRACTION' ? 
r_gen_planes_other           ?      ?      ? ?    'X-RAY DIFFRACTION' ? 
r_nbd_refined                0.227  0.200  ? 239  'X-RAY DIFFRACTION' ? 
r_nbd_other                  ?      ?      ? ?    'X-RAY DIFFRACTION' ? 
r_nbtor_refined              0.306  0.200  ? 486  'X-RAY DIFFRACTION' ? 
r_nbtor_other                ?      ?      ? ?    'X-RAY DIFFRACTION' ? 
r_xyhbond_nbd_refined        0.166  0.200  ? 24   'X-RAY DIFFRACTION' ? 
r_xyhbond_nbd_other          ?      ?      ? ?    'X-RAY DIFFRACTION' ? 
r_metal_ion_refined          ?      ?      ? ?    'X-RAY DIFFRACTION' ? 
r_metal_ion_other            ?      ?      ? ?    'X-RAY DIFFRACTION' ? 
r_symmetry_vdw_refined       0.254  0.200  ? 35   'X-RAY DIFFRACTION' ? 
r_symmetry_vdw_other         ?      ?      ? ?    'X-RAY DIFFRACTION' ? 
r_symmetry_hbond_refined     0.313  0.200  ? 7    'X-RAY DIFFRACTION' ? 
r_symmetry_hbond_other       ?      ?      ? ?    'X-RAY DIFFRACTION' ? 
r_symmetry_metal_ion_refined ?      ?      ? ?    'X-RAY DIFFRACTION' ? 
r_symmetry_metal_ion_other   ?      ?      ? ?    'X-RAY DIFFRACTION' ? 
r_mcbond_it                  1.245  1.500  ? 491  'X-RAY DIFFRACTION' ? 
r_mcbond_other               ?      ?      ? ?    'X-RAY DIFFRACTION' ? 
r_mcangle_it                 2.155  2.000  ? 773  'X-RAY DIFFRACTION' ? 
r_mcangle_other              ?      ?      ? ?    'X-RAY DIFFRACTION' ? 
r_scbond_it                  3.195  3.000  ? 272  'X-RAY DIFFRACTION' ? 
r_scbond_other               ?      ?      ? ?    'X-RAY DIFFRACTION' ? 
r_scangle_it                 5.468  4.500  ? 227  'X-RAY DIFFRACTION' ? 
r_scangle_other              ?      ?      ? ?    'X-RAY DIFFRACTION' ? 
r_long_range_B_refined       ?      ?      ? ?    'X-RAY DIFFRACTION' ? 
r_long_range_B_other         ?      ?      ? ?    'X-RAY DIFFRACTION' ? 
r_rigid_bond_restr           ?      ?      ? ?    'X-RAY DIFFRACTION' ? 
r_sphericity_free            ?      ?      ? ?    'X-RAY DIFFRACTION' ? 
r_sphericity_bonded          ?      ?      ? ?    'X-RAY DIFFRACTION' ? 
# 
_refine_ls_shell.pdbx_refine_id                   'X-RAY DIFFRACTION' 
_refine_ls_shell.pdbx_total_number_of_bins_used   20 
_refine_ls_shell.d_res_high                       2.20 
_refine_ls_shell.d_res_low                        2.26 
_refine_ls_shell.number_reflns_R_work             555 
_refine_ls_shell.R_factor_R_work                  0.3020 
_refine_ls_shell.percent_reflns_obs               100.00 
_refine_ls_shell.R_factor_R_free                  0.3190 
_refine_ls_shell.R_factor_R_free_error            ? 
_refine_ls_shell.percent_reflns_R_free            ? 
_refine_ls_shell.number_reflns_R_free             62 
_refine_ls_shell.number_reflns_all                ? 
_refine_ls_shell.R_factor_all                     ? 
# 
_struct.entry_id                  2JF1 
_struct.title                     
'CRYSTAL STRUCTURE OF THE FILAMIN A REPEAT 21 COMPLEXED WITH THE INTEGRIN BETA2 CYTOPLASMIC TAIL PEPTIDE' 
_struct.pdbx_model_details        ? 
_struct.pdbx_CASP_flag            ? 
_struct.pdbx_model_type_details   ? 
# 
_struct_keywords.entry_id        2JF1 
_struct_keywords.pdbx_keywords   'CELL ADHESION' 
_struct_keywords.text            
;ACTIN-BINDING, CELL ADHESION, TRANSMEMBRANE, ACETYLATION, POLYMORPHISM, CYTOSKELETON, GLYCOPROTEIN, FILAMIN, COMPLEX, MEMBRANE, INTEGRIN, RECEPTOR, PYRROLIDONE CARBOXYLIC ACID, PHOSPHORYLATION, DISEASE MUTATION, IMMUNOGLOBULIN LIKE
;
# 
loop_
_struct_asym.id 
_struct_asym.pdbx_blank_PDB_chainid_flag 
_struct_asym.pdbx_modified 
_struct_asym.entity_id 
_struct_asym.details 
A N N 1 ? 
B N N 2 ? 
C N N 3 ? 
D N N 4 ? 
E N N 4 ? 
# 
_struct_biol.id   1 
# 
loop_
_struct_conf.conf_type_id 
_struct_conf.id 
_struct_conf.pdbx_PDB_helix_id 
_struct_conf.beg_label_comp_id 
_struct_conf.beg_label_asym_id 
_struct_conf.beg_label_seq_id 
_struct_conf.pdbx_beg_PDB_ins_code 
_struct_conf.end_label_comp_id 
_struct_conf.end_label_asym_id 
_struct_conf.end_label_seq_id 
_struct_conf.pdbx_end_PDB_ins_code 
_struct_conf.beg_auth_comp_id 
_struct_conf.beg_auth_asym_id 
_struct_conf.beg_auth_seq_id 
_struct_conf.end_auth_comp_id 
_struct_conf.end_auth_asym_id 
_struct_conf.end_auth_seq_id 
_struct_conf.pdbx_PDB_helix_class 
_struct_conf.details 
_struct_conf.pdbx_PDB_helix_length 
HELX_P HELX_P1 1 GLY A 5  ? VAL A 9  ? GLY A 2237 VAL A 2241 5 ? 5 
HELX_P HELX_P2 2 GLY A 13 ? GLU A 17 ? GLY A 2245 GLU A 2249 5 ? 5 
# 
_struct_conf_type.id          HELX_P 
_struct_conf_type.criteria    ? 
_struct_conf_type.reference   ? 
# 
_struct_mon_prot_cis.pdbx_id                1 
_struct_mon_prot_cis.label_comp_id          SER 
_struct_mon_prot_cis.label_seq_id           87 
_struct_mon_prot_cis.label_asym_id          A 
_struct_mon_prot_cis.label_alt_id           . 
_struct_mon_prot_cis.pdbx_PDB_ins_code      ? 
_struct_mon_prot_cis.auth_comp_id           SER 
_struct_mon_prot_cis.auth_seq_id            2319 
_struct_mon_prot_cis.auth_asym_id           A 
_struct_mon_prot_cis.pdbx_label_comp_id_2   PRO 
_struct_mon_prot_cis.pdbx_label_seq_id_2    88 
_struct_mon_prot_cis.pdbx_label_asym_id_2   A 
_struct_mon_prot_cis.pdbx_PDB_ins_code_2    ? 
_struct_mon_prot_cis.pdbx_auth_comp_id_2    PRO 
_struct_mon_prot_cis.pdbx_auth_seq_id_2     2320 
_struct_mon_prot_cis.pdbx_auth_asym_id_2    A 
_struct_mon_prot_cis.pdbx_PDB_model_num     1 
_struct_mon_prot_cis.pdbx_omega_angle       -0.35 
# 
loop_
_struct_sheet.id 
_struct_sheet.type 
_struct_sheet.number_strands 
_struct_sheet.details 
AA ? 4 ? 
AB ? 5 ? 
AC ? 4 ? 
# 
loop_
_struct_sheet_order.sheet_id 
_struct_sheet_order.range_id_1 
_struct_sheet_order.range_id_2 
_struct_sheet_order.offset 
_struct_sheet_order.sense 
AA 1 2 ? anti-parallel 
AA 2 3 ? anti-parallel 
AA 3 4 ? anti-parallel 
AB 1 2 ? parallel      
AB 2 3 ? anti-parallel 
AB 3 4 ? anti-parallel 
AB 4 5 ? anti-parallel 
AC 1 2 ? parallel      
AC 2 3 ? anti-parallel 
AC 3 4 ? anti-parallel 
# 
loop_
_struct_sheet_range.sheet_id 
_struct_sheet_range.id 
_struct_sheet_range.beg_label_comp_id 
_struct_sheet_range.beg_label_asym_id 
_struct_sheet_range.beg_label_seq_id 
_struct_sheet_range.pdbx_beg_PDB_ins_code 
_struct_sheet_range.end_label_comp_id 
_struct_sheet_range.end_label_asym_id 
_struct_sheet_range.end_label_seq_id 
_struct_sheet_range.pdbx_end_PDB_ins_code 
_struct_sheet_range.beg_auth_comp_id 
_struct_sheet_range.beg_auth_asym_id 
_struct_sheet_range.beg_auth_seq_id 
_struct_sheet_range.end_auth_comp_id 
_struct_sheet_range.end_auth_asym_id 
_struct_sheet_range.end_auth_seq_id 
AA 1 ARG A 10 ? GLY A 12 ? ARG A 2242 GLY A 2244 
AA 2 ALA A 25 ? TRP A 30 ? ALA A 2257 TRP A 2262 
AA 3 CYS A 61 ? VAL A 67 ? CYS A 2293 VAL A 2299 
AA 4 ALA A 49 ? GLU A 54 ? ALA A 2281 GLU A 2286 
AB 1 ALA A 19 ? GLU A 20 ? ALA A 2251 GLU A 2252 
AB 2 PHE A 89 ? ALA A 94 ? PHE A 2321 ALA A 2326 
AB 3 GLY A 71 ? PHE A 79 ? GLY A 2303 PHE A 2311 
AB 4 GLY A 37 ? GLY A 45 ? GLY A 2269 GLY A 2277 
AB 5 PHE B 20 ? MET B 28 ? PHE T 754  MET T 762  
AC 1 ALA A 19 ? GLU A 20 ? ALA A 2251 GLU A 2252 
AC 2 PHE A 89 ? ALA A 94 ? PHE A 2321 ALA A 2326 
AC 3 GLY A 71 ? PHE A 79 ? GLY A 2303 PHE A 2311 
AC 4 GLU A 82 ? HIS A 83 ? GLU A 2314 HIS A 2315 
# 
loop_
_pdbx_struct_sheet_hbond.sheet_id 
_pdbx_struct_sheet_hbond.range_id_1 
_pdbx_struct_sheet_hbond.range_id_2 
_pdbx_struct_sheet_hbond.range_1_label_atom_id 
_pdbx_struct_sheet_hbond.range_1_label_comp_id 
_pdbx_struct_sheet_hbond.range_1_label_asym_id 
_pdbx_struct_sheet_hbond.range_1_label_seq_id 
_pdbx_struct_sheet_hbond.range_1_PDB_ins_code 
_pdbx_struct_sheet_hbond.range_1_auth_atom_id 
_pdbx_struct_sheet_hbond.range_1_auth_comp_id 
_pdbx_struct_sheet_hbond.range_1_auth_asym_id 
_pdbx_struct_sheet_hbond.range_1_auth_seq_id 
_pdbx_struct_sheet_hbond.range_2_label_atom_id 
_pdbx_struct_sheet_hbond.range_2_label_comp_id 
_pdbx_struct_sheet_hbond.range_2_label_asym_id 
_pdbx_struct_sheet_hbond.range_2_label_seq_id 
_pdbx_struct_sheet_hbond.range_2_PDB_ins_code 
_pdbx_struct_sheet_hbond.range_2_auth_atom_id 
_pdbx_struct_sheet_hbond.range_2_auth_comp_id 
_pdbx_struct_sheet_hbond.range_2_auth_asym_id 
_pdbx_struct_sheet_hbond.range_2_auth_seq_id 
AA 1 2 N GLY A 12 ? N GLY A 2244 O SER A 28 ? O SER A 2260 
AA 2 3 N ILE A 29 ? N ILE A 2261 O CYS A 61 ? O CYS A 2293 
AA 3 4 N VAL A 66 ? N VAL A 2298 O GLU A 50 ? O GLU A 2282 
AB 1 2 N ALA A 19 ? N ALA A 2251 O PRO A 92 ? O PRO A 2324 
AB 2 3 N VAL A 93 ? N VAL A 2325 O GLY A 71 ? O GLY A 2303 
AB 3 4 N LYS A 78 ? N LYS A 2310 O ALA A 40 ? O ALA A 2272 
AB 4 5 N GLY A 45 ? N GLY A 2277 O PHE B 20 ? O PHE T 754  
AC 1 2 N ALA A 19 ? N ALA A 2251 O PRO A 92 ? O PRO A 2324 
AC 2 3 N VAL A 93 ? N VAL A 2325 O GLY A 71 ? O GLY A 2303 
AC 3 4 N PHE A 79 ? N PHE A 2311 O GLU A 82 ? O GLU A 2314 
# 
_struct_site.id                   AC1 
_struct_site.pdbx_evidence_code   Software 
_struct_site.pdbx_auth_asym_id    ? 
_struct_site.pdbx_auth_comp_id    ? 
_struct_site.pdbx_auth_seq_id     ? 
_struct_site.pdbx_auth_ins_code   ? 
_struct_site.pdbx_num_residues    7 
_struct_site.details              'BINDING SITE FOR RESIDUE GOL A3329' 
# 
loop_
_struct_site_gen.id 
_struct_site_gen.site_id 
_struct_site_gen.pdbx_num_res 
_struct_site_gen.label_comp_id 
_struct_site_gen.label_asym_id 
_struct_site_gen.label_seq_id 
_struct_site_gen.pdbx_auth_ins_code 
_struct_site_gen.auth_comp_id 
_struct_site_gen.auth_asym_id 
_struct_site_gen.auth_seq_id 
_struct_site_gen.label_atom_id 
_struct_site_gen.label_alt_id 
_struct_site_gen.symmetry 
_struct_site_gen.details 
1 AC1 7 HOH D .  ? HOH A 2003 . ? 1_555 ? 
2 AC1 7 HOH D .  ? HOH A 2004 . ? 1_555 ? 
3 AC1 7 ALA A 11 ? ALA A 2243 . ? 1_555 ? 
4 AC1 7 GLY A 12 ? GLY A 2244 . ? 1_555 ? 
5 AC1 7 GLY A 13 ? GLY A 2245 . ? 1_555 ? 
6 AC1 7 GLU A 17 ? GLU A 2249 . ? 1_555 ? 
7 AC1 7 PHE A 89 ? PHE A 2321 . ? 1_555 ? 
# 
_atom_sites.entry_id                    2JF1 
_atom_sites.fract_transf_matrix[1][1]   0.00069166 
_atom_sites.fract_transf_matrix[1][2]   0.00883750 
_atom_sites.fract_transf_matrix[1][3]   -0.00909871 
_atom_sites.fract_transf_matrix[2][1]   0.00579825 
_atom_sites.fract_transf_matrix[2][2]   -0.00832472 
_atom_sites.fract_transf_matrix[2][3]   -0.00764496 
_atom_sites.fract_transf_matrix[3][1]   -0.01128131 
_atom_sites.fract_transf_matrix[3][2]   -0.00373683 
_atom_sites.fract_transf_matrix[3][3]   -0.00448712 
_atom_sites.fract_transf_vector[1]      0.135714 
_atom_sites.fract_transf_vector[2]      0.030397 
_atom_sites.fract_transf_vector[3]      0.297359 
# 
loop_
_atom_type.symbol 
C 
N 
O 
S 
# 
loop_
_atom_site.group_PDB 
_atom_site.id 
_atom_site.type_symbol 
_atom_site.label_atom_id 
_atom_site.label_alt_id 
_atom_site.label_comp_id 
_atom_site.label_asym_id 
_atom_site.label_entity_id 
_atom_site.label_seq_id 
_atom_site.pdbx_PDB_ins_code 
_atom_site.Cartn_x 
_atom_site.Cartn_y 
_atom_site.Cartn_z 
_atom_site.occupancy 
_atom_site.B_iso_or_equiv 
_atom_site.pdbx_formal_charge 
_atom_site.auth_seq_id 
_atom_site.auth_comp_id 
_atom_site.auth_asym_id 
_atom_site.auth_atom_id 
_atom_site.pdbx_PDB_model_num 
ATOM   1   N N   . GLY A 1 5  ? -2.698  -17.546 4.950   1.00 47.09 ? 2237 GLY A N   1 
ATOM   2   C CA  . GLY A 1 5  ? -2.552  -16.652 6.157   1.00 46.22 ? 2237 GLY A CA  1 
ATOM   3   C C   . GLY A 1 5  ? -2.599  -15.156 5.850   1.00 44.73 ? 2237 GLY A C   1 
ATOM   4   O O   . GLY A 1 5  ? -2.344  -14.346 6.733   1.00 44.47 ? 2237 GLY A O   1 
ATOM   5   N N   . ALA A 1 6  ? -2.922  -14.806 4.603   1.00 44.53 ? 2238 ALA A N   1 
ATOM   6   C CA  . ALA A 1 6  ? -3.180  -13.410 4.175   1.00 44.20 ? 2238 ALA A CA  1 
ATOM   7   C C   . ALA A 1 6  ? -4.371  -12.750 4.921   1.00 44.50 ? 2238 ALA A C   1 
ATOM   8   O O   . ALA A 1 6  ? -4.322  -11.557 5.195   1.00 43.46 ? 2238 ALA A O   1 
ATOM   9   C CB  . ALA A 1 6  ? -3.399  -13.364 2.728   1.00 43.33 ? 2238 ALA A CB  1 
ATOM   10  N N   . HIS A 1 7  ? -5.414  -13.529 5.273   1.00 45.85 ? 2239 HIS A N   1 
ATOM   11  C CA  . HIS A 1 7  ? -6.556  -12.998 6.057   1.00 47.44 ? 2239 HIS A CA  1 
ATOM   12  C C   . HIS A 1 7  ? -6.203  -12.555 7.474   1.00 46.59 ? 2239 HIS A C   1 
ATOM   13  O O   . HIS A 1 7  ? -6.940  -11.808 8.067   1.00 46.68 ? 2239 HIS A O   1 
ATOM   14  C CB  . HIS A 1 7  ? -7.802  -13.901 6.080   1.00 49.11 ? 2239 HIS A CB  1 
ATOM   15  C CG  . HIS A 1 7  ? -9.016  -13.236 6.697   1.00 54.71 ? 2239 HIS A CG  1 
ATOM   16  N ND1 . HIS A 1 7  ? -10.026 -12.661 5.946   1.00 58.49 ? 2239 HIS A ND1 1 
ATOM   17  C CD2 . HIS A 1 7  ? -9.374  -13.056 7.998   1.00 59.28 ? 2239 HIS A CD2 1 
ATOM   18  C CE1 . HIS A 1 7  ? -10.951 -12.160 6.755   1.00 60.35 ? 2239 HIS A CE1 1 
ATOM   19  N NE2 . HIS A 1 7  ? -10.572 -12.377 8.005   1.00 60.66 ? 2239 HIS A NE2 1 
ATOM   20  N N   . LYS A 1 8  ? -5.065  -12.996 7.980   1.00 46.02 ? 2240 LYS A N   1 
ATOM   21  C CA  . LYS A 1 8  ? -4.533  -12.559 9.267   1.00 46.40 ? 2240 LYS A CA  1 
ATOM   22  C C   . LYS A 1 8  ? -3.745  -11.237 9.220   1.00 44.62 ? 2240 LYS A C   1 
ATOM   23  O O   . LYS A 1 8  ? -3.405  -10.691 10.267  1.00 45.28 ? 2240 LYS A O   1 
ATOM   24  C CB  . LYS A 1 8  ? -3.652  -13.671 9.888   1.00 47.08 ? 2240 LYS A CB  1 
ATOM   25  C CG  . LYS A 1 8  ? -4.481  -14.750 10.601  1.00 51.49 ? 2240 LYS A CG  1 
ATOM   26  C CD  . LYS A 1 8  ? -3.671  -16.017 10.825  1.00 58.70 ? 2240 LYS A CD  1 
ATOM   27  C CE  . LYS A 1 8  ? -4.500  -17.084 11.538  1.00 62.18 ? 2240 LYS A CE  1 
ATOM   28  N NZ  . LYS A 1 8  ? -3.630  -18.067 12.273  1.00 65.04 ? 2240 LYS A NZ  1 
ATOM   29  N N   . VAL A 1 9  ? -3.430  -10.738 8.023   1.00 41.95 ? 2241 VAL A N   1 
ATOM   30  C CA  . VAL A 1 9  ? -2.761  -9.455  7.922   1.00 38.67 ? 2241 VAL A CA  1 
ATOM   31  C C   . VAL A 1 9  ? -3.820  -8.366  7.752   1.00 37.48 ? 2241 VAL A C   1 
ATOM   32  O O   . VAL A 1 9  ? -4.750  -8.530  6.984   1.00 37.31 ? 2241 VAL A O   1 
ATOM   33  C CB  . VAL A 1 9  ? -1.715  -9.408  6.752   1.00 39.83 ? 2241 VAL A CB  1 
ATOM   34  C CG1 . VAL A 1 9  ? -1.037  -7.992  6.688   1.00 35.63 ? 2241 VAL A CG1 1 
ATOM   35  C CG2 . VAL A 1 9  ? -0.661  -10.502 6.921   1.00 39.06 ? 2241 VAL A CG2 1 
ATOM   36  N N   . ARG A 1 10 ? -3.712  -7.266  8.499   1.00 36.49 ? 2242 ARG A N   1 
ATOM   37  C CA  . ARG A 1 10 ? -4.630  -6.133  8.328   1.00 34.63 ? 2242 ARG A CA  1 
ATOM   38  C C   . ARG A 1 10 ? -3.867  -4.844  8.133   1.00 32.99 ? 2242 ARG A C   1 
ATOM   39  O O   . ARG A 1 10 ? -2.782  -4.666  8.668   1.00 32.58 ? 2242 ARG A O   1 
ATOM   40  C CB  . ARG A 1 10 ? -5.529  -5.979  9.564   1.00 34.90 ? 2242 ARG A CB  1 
ATOM   41  C CG  . ARG A 1 10 ? -6.231  -7.269  9.993   1.00 37.88 ? 2242 ARG A CG  1 
ATOM   42  C CD  . ARG A 1 10 ? -7.547  -6.876  10.577  1.00 43.53 ? 2242 ARG A CD  1 
ATOM   43  N NE  . ARG A 1 10 ? -8.545  -7.811  10.120  1.00 48.25 ? 2242 ARG A NE  1 
ATOM   44  C CZ  . ARG A 1 10 ? -9.767  -7.506  9.777   1.00 46.97 ? 2242 ARG A CZ  1 
ATOM   45  N NH1 . ARG A 1 10 ? -10.201 -6.244  9.813   1.00 43.28 ? 2242 ARG A NH1 1 
ATOM   46  N NH2 . ARG A 1 10 ? -10.557 -8.505  9.410   1.00 52.53 ? 2242 ARG A NH2 1 
ATOM   47  N N   . ALA A 1 11 ? -4.489  -3.889  7.462   1.00 32.27 ? 2243 ALA A N   1 
ATOM   48  C CA  . ALA A 1 11 ? -3.843  -2.616  7.232   1.00 31.85 ? 2243 ALA A CA  1 
ATOM   49  C C   . ALA A 1 11 ? -4.802  -1.457  7.489   1.00 31.42 ? 2243 ALA A C   1 
ATOM   50  O O   . ALA A 1 11 ? -6.034  -1.599  7.353   1.00 32.41 ? 2243 ALA A O   1 
ATOM   51  C CB  . ALA A 1 11 ? -3.226  -2.585  5.785   1.00 31.39 ? 2243 ALA A CB  1 
ATOM   52  N N   . GLY A 1 12 ? -4.272  -0.308  7.886   1.00 30.29 ? 2244 GLY A N   1 
ATOM   53  C CA  . GLY A 1 12 ? -5.143  0.832   8.029   1.00 29.73 ? 2244 GLY A CA  1 
ATOM   54  C C   . GLY A 1 12 ? -4.418  2.148   8.025   1.00 29.20 ? 2244 GLY A C   1 
ATOM   55  O O   . GLY A 1 12 ? -3.249  2.209   8.370   1.00 30.89 ? 2244 GLY A O   1 
ATOM   56  N N   . GLY A 1 13 ? -5.096  3.210   7.629   1.00 28.35 ? 2245 GLY A N   1 
ATOM   57  C CA  . GLY A 1 13 ? -4.518  4.530   7.788   1.00 28.12 ? 2245 GLY A CA  1 
ATOM   58  C C   . GLY A 1 13 ? -4.954  5.463   6.698   1.00 28.93 ? 2245 GLY A C   1 
ATOM   59  O O   . GLY A 1 13 ? -5.560  5.017   5.684   1.00 28.69 ? 2245 GLY A O   1 
ATOM   60  N N   . PRO A 1 14 ? -4.659  6.766   6.880   1.00 29.10 ? 2246 PRO A N   1 
ATOM   61  C CA  . PRO A 1 14 ? -5.209  7.778   5.991   1.00 29.72 ? 2246 PRO A CA  1 
ATOM   62  C C   . PRO A 1 14 ? -4.766  7.567   4.556   1.00 30.18 ? 2246 PRO A C   1 
ATOM   63  O O   . PRO A 1 14 ? -5.476  7.994   3.677   1.00 30.03 ? 2246 PRO A O   1 
ATOM   64  C CB  . PRO A 1 14 ? -4.676  9.133   6.524   1.00 28.85 ? 2246 PRO A CB  1 
ATOM   65  C CG  . PRO A 1 14 ? -3.866  8.847   7.658   1.00 30.69 ? 2246 PRO A CG  1 
ATOM   66  C CD  . PRO A 1 14 ? -3.842  7.342   7.958   1.00 28.71 ? 2246 PRO A CD  1 
ATOM   67  N N   . GLY A 1 15 ? -3.604  6.918   4.344   1.00 30.76 ? 2247 GLY A N   1 
ATOM   68  C CA  . GLY A 1 15 ? -2.984  6.690   3.002   1.00 28.91 ? 2247 GLY A CA  1 
ATOM   69  C C   . GLY A 1 15 ? -3.678  5.595   2.209   1.00 29.53 ? 2247 GLY A C   1 
ATOM   70  O O   . GLY A 1 15 ? -3.454  5.431   1.031   1.00 29.34 ? 2247 GLY A O   1 
ATOM   71  N N   . LEU A 1 16 ? -4.605  4.898   2.850   1.00 30.49 ? 2248 LEU A N   1 
ATOM   72  C CA  . LEU A 1 16 ? -5.501  3.931   2.158   1.00 31.21 ? 2248 LEU A CA  1 
ATOM   73  C C   . LEU A 1 16 ? -6.877  4.482   1.715   1.00 30.91 ? 2248 LEU A C   1 
ATOM   74  O O   . LEU A 1 16 ? -7.726  3.742   1.178   1.00 30.01 ? 2248 LEU A O   1 
ATOM   75  C CB  . LEU A 1 16 ? -5.689  2.675   3.007   1.00 27.73 ? 2248 LEU A CB  1 
ATOM   76  C CG  . LEU A 1 16 ? -4.379  1.952   3.231   1.00 30.44 ? 2248 LEU A CG  1 
ATOM   77  C CD1 . LEU A 1 16 ? -4.636  0.802   4.130   1.00 26.16 ? 2248 LEU A CD1 1 
ATOM   78  C CD2 . LEU A 1 16 ? -3.720  1.480   1.825   1.00 28.76 ? 2248 LEU A CD2 1 
ATOM   79  N N   . GLU A 1 17 ? -7.068  5.772   1.911   1.00 32.66 ? 2249 GLU A N   1 
ATOM   80  C CA  . GLU A 1 17 ? -8.299  6.422   1.481   1.00 34.84 ? 2249 GLU A CA  1 
ATOM   81  C C   . GLU A 1 17 ? -8.130  7.777   0.721   1.00 34.43 ? 2249 GLU A C   1 
ATOM   82  O O   . GLU A 1 17 ? -8.977  8.122   -0.093  1.00 32.68 ? 2249 GLU A O   1 
ATOM   83  C CB  . GLU A 1 17 ? -9.287  6.430   2.679   1.00 37.19 ? 2249 GLU A CB  1 
ATOM   84  C CG  . GLU A 1 17 ? -9.980  7.654   2.971   1.00 43.99 ? 2249 GLU A CG  1 
ATOM   85  C CD  . GLU A 1 17 ? -9.361  8.357   4.090   1.00 52.66 ? 2249 GLU A CD  1 
ATOM   86  O OE1 . GLU A 1 17 ? -9.417  9.599   4.104   1.00 58.25 ? 2249 GLU A OE1 1 
ATOM   87  O OE2 . GLU A 1 17 ? -8.826  7.671   4.984   1.00 58.54 ? 2249 GLU A OE2 1 
ATOM   88  N N   . ARG A 1 18 ? -7.037  8.513   0.969   1.00 33.43 ? 2250 ARG A N   1 
ATOM   89  C CA  . ARG A 1 18 ? -6.733  9.726   0.210   1.00 34.73 ? 2250 ARG A CA  1 
ATOM   90  C C   . ARG A 1 18 ? -5.228  9.995   0.179   1.00 33.99 ? 2250 ARG A C   1 
ATOM   91  O O   . ARG A 1 18 ? -4.473  9.565   1.068   1.00 32.91 ? 2250 ARG A O   1 
ATOM   92  C CB  . ARG A 1 18 ? -7.413  10.939  0.815   1.00 35.12 ? 2250 ARG A CB  1 
ATOM   93  C CG  . ARG A 1 18 ? -7.147  11.054  2.324   1.00 39.58 ? 2250 ARG A CG  1 
ATOM   94  C CD  . ARG A 1 18 ? -7.281  12.464  2.851   1.00 46.15 ? 2250 ARG A CD  1 
ATOM   95  N NE  . ARG A 1 18 ? -7.031  12.449  4.314   1.00 53.64 ? 2250 ARG A NE  1 
ATOM   96  C CZ  . ARG A 1 18 ? -5.871  12.729  4.922   1.00 54.78 ? 2250 ARG A CZ  1 
ATOM   97  N NH1 . ARG A 1 18 ? -4.779  13.058  4.232   1.00 54.28 ? 2250 ARG A NH1 1 
ATOM   98  N NH2 . ARG A 1 18 ? -5.808  12.672  6.251   1.00 57.98 ? 2250 ARG A NH2 1 
ATOM   99  N N   . ALA A 1 19 ? -4.811  10.712  -0.850  1.00 33.10 ? 2251 ALA A N   1 
ATOM   100 C CA  . ALA A 1 19 ? -3.474  11.251  -0.902  1.00 33.31 ? 2251 ALA A CA  1 
ATOM   101 C C   . ALA A 1 19 ? -3.498  12.569  -1.644  1.00 33.77 ? 2251 ALA A C   1 
ATOM   102 O O   . ALA A 1 19 ? -4.537  13.003  -2.149  1.00 34.43 ? 2251 ALA A O   1 
ATOM   103 C CB  . ALA A 1 19 ? -2.467  10.264  -1.508  1.00 29.82 ? 2251 ALA A CB  1 
ATOM   104 N N   . GLU A 1 20 ? -2.332  13.181  -1.719  1.00 35.26 ? 2252 GLU A N   1 
ATOM   105 C CA  . GLU A 1 20 ? -2.103  14.411  -2.438  1.00 37.72 ? 2252 GLU A CA  1 
ATOM   106 C C   . GLU A 1 20 ? -0.826  14.158  -3.187  1.00 37.73 ? 2252 GLU A C   1 
ATOM   107 O O   . GLU A 1 20 ? 0.147   13.645  -2.616  1.00 38.34 ? 2252 GLU A O   1 
ATOM   108 C CB  . GLU A 1 20 ? -1.889  15.520  -1.417  1.00 37.16 ? 2252 GLU A CB  1 
ATOM   109 C CG  . GLU A 1 20 ? -2.052  16.901  -1.902  1.00 44.06 ? 2252 GLU A CG  1 
ATOM   110 C CD  . GLU A 1 20 ? -1.772  17.931  -0.799  1.00 51.92 ? 2252 GLU A CD  1 
ATOM   111 O OE1 . GLU A 1 20 ? -1.866  17.568  0.412   1.00 54.35 ? 2252 GLU A OE1 1 
ATOM   112 O OE2 . GLU A 1 20 ? -1.430  19.091  -1.160  1.00 53.68 ? 2252 GLU A OE2 1 
ATOM   113 N N   . ALA A 1 21 ? -0.823  14.507  -4.461  1.00 38.81 ? 2253 ALA A N   1 
ATOM   114 C CA  . ALA A 1 21 ? 0.343   14.379  -5.342  1.00 40.22 ? 2253 ALA A CA  1 
ATOM   115 C C   . ALA A 1 21 ? 1.574   15.087  -4.775  1.00 40.25 ? 2253 ALA A C   1 
ATOM   116 O O   . ALA A 1 21 ? 1.519   16.259  -4.418  1.00 41.42 ? 2253 ALA A O   1 
ATOM   117 C CB  . ALA A 1 21 ? 0.009   14.960  -6.706  1.00 40.13 ? 2253 ALA A CB  1 
ATOM   118 N N   . GLY A 1 22 ? 2.679   14.367  -4.663  1.00 39.81 ? 2254 GLY A N   1 
ATOM   119 C CA  . GLY A 1 22 ? 3.879   14.959  -4.117  1.00 39.71 ? 2254 GLY A CA  1 
ATOM   120 C C   . GLY A 1 22 ? 3.961   14.930  -2.584  1.00 39.01 ? 2254 GLY A C   1 
ATOM   121 O O   . GLY A 1 22 ? 4.959   15.296  -2.030  1.00 39.81 ? 2254 GLY A O   1 
ATOM   122 N N   . VAL A 1 23 ? 2.918   14.507  -1.904  1.00 38.49 ? 2255 VAL A N   1 
ATOM   123 C CA  . VAL A 1 23 ? 2.900   14.473  -0.428  1.00 38.00 ? 2255 VAL A CA  1 
ATOM   124 C C   . VAL A 1 23 ? 2.874   13.013  0.004   1.00 37.19 ? 2255 VAL A C   1 
ATOM   125 O O   . VAL A 1 23 ? 2.026   12.272  -0.455  1.00 36.32 ? 2255 VAL A O   1 
ATOM   126 C CB  . VAL A 1 23 ? 1.657   15.234  0.155   1.00 37.64 ? 2255 VAL A CB  1 
ATOM   127 C CG1 . VAL A 1 23 ? 1.686   15.281  1.720   1.00 37.89 ? 2255 VAL A CG1 1 
ATOM   128 C CG2 . VAL A 1 23 ? 1.613   16.682  -0.388  1.00 39.62 ? 2255 VAL A CG2 1 
ATOM   129 N N   . PRO A 1 24 ? 3.819   12.590  0.863   1.00 37.41 ? 2256 PRO A N   1 
ATOM   130 C CA  . PRO A 1 24 ? 3.768   11.225  1.350   1.00 38.09 ? 2256 PRO A CA  1 
ATOM   131 C C   . PRO A 1 24 ? 2.480   10.892  2.054   1.00 37.96 ? 2256 PRO A C   1 
ATOM   132 O O   . PRO A 1 24 ? 2.011   11.642  2.890   1.00 38.44 ? 2256 PRO A O   1 
ATOM   133 C CB  . PRO A 1 24 ? 4.978   11.128  2.294   1.00 38.31 ? 2256 PRO A CB  1 
ATOM   134 C CG  . PRO A 1 24 ? 5.909   12.212  1.811   1.00 38.27 ? 2256 PRO A CG  1 
ATOM   135 C CD  . PRO A 1 24 ? 5.020   13.304  1.337   1.00 37.92 ? 2256 PRO A CD  1 
ATOM   136 N N   . ALA A 1 25 ? 1.921   9.762   1.631   1.00 38.81 ? 2257 ALA A N   1 
ATOM   137 C CA  . ALA A 1 25 ? 0.704   9.129   2.121   1.00 38.07 ? 2257 ALA A CA  1 
ATOM   138 C C   . ALA A 1 25 ? 1.119   7.915   2.968   1.00 37.88 ? 2257 ALA A C   1 
ATOM   139 O O   . ALA A 1 25 ? 1.948   7.135   2.541   1.00 38.17 ? 2257 ALA A O   1 
ATOM   140 C CB  . ALA A 1 25 ? -0.186  8.703   0.941   1.00 36.64 ? 2257 ALA A CB  1 
ATOM   141 N N   . GLU A 1 26 ? 0.520   7.756   4.157   1.00 37.32 ? 2258 GLU A N   1 
ATOM   142 C CA  . GLU A 1 26 ? 1.009   6.782   5.123   1.00 37.87 ? 2258 GLU A CA  1 
ATOM   143 C C   . GLU A 1 26 ? -0.113  5.902   5.649   1.00 34.98 ? 2258 GLU A C   1 
ATOM   144 O O   . GLU A 1 26 ? -1.213  6.350   5.891   1.00 33.48 ? 2258 GLU A O   1 
ATOM   145 C CB  . GLU A 1 26 ? 1.653   7.489   6.357   1.00 38.21 ? 2258 GLU A CB  1 
ATOM   146 C CG  . GLU A 1 26 ? 2.665   8.603   6.077   1.00 41.40 ? 2258 GLU A CG  1 
ATOM   147 C CD  . GLU A 1 26 ? 3.116   9.266   7.369   1.00 44.06 ? 2258 GLU A CD  1 
ATOM   148 O OE1 . GLU A 1 26 ? 2.265   9.472   8.262   1.00 53.02 ? 2258 GLU A OE1 1 
ATOM   149 O OE2 . GLU A 1 26 ? 4.328   9.557   7.514   1.00 54.37 ? 2258 GLU A OE2 1 
ATOM   150 N N   . PHE A 1 27 ? 0.209   4.642   5.874   1.00 33.67 ? 2259 PHE A N   1 
ATOM   151 C CA  . PHE A 1 27 ? -0.690  3.719   6.520   1.00 32.02 ? 2259 PHE A CA  1 
ATOM   152 C C   . PHE A 1 27 ? 0.174   2.692   7.233   1.00 32.79 ? 2259 PHE A C   1 
ATOM   153 O O   . PHE A 1 27 ? 1.381   2.594   6.952   1.00 33.51 ? 2259 PHE A O   1 
ATOM   154 C CB  . PHE A 1 27 ? -1.657  3.102   5.488   1.00 31.64 ? 2259 PHE A CB  1 
ATOM   155 C CG  . PHE A 1 27 ? -1.008  2.208   4.434   1.00 27.19 ? 2259 PHE A CG  1 
ATOM   156 C CD1 . PHE A 1 27 ? -0.882  0.835   4.651   1.00 26.31 ? 2259 PHE A CD1 1 
ATOM   157 C CD2 . PHE A 1 27 ? -0.625  2.723   3.197   1.00 29.67 ? 2259 PHE A CD2 1 
ATOM   158 C CE1 . PHE A 1 27 ? -0.354  -0.025  3.689   1.00 24.35 ? 2259 PHE A CE1 1 
ATOM   159 C CE2 . PHE A 1 27 ? -0.108  1.885   2.187   1.00 26.32 ? 2259 PHE A CE2 1 
ATOM   160 C CZ  . PHE A 1 27 ? 0.039   0.489   2.445   1.00 28.82 ? 2259 PHE A CZ  1 
ATOM   161 N N   . SER A 1 28 ? -0.423  1.942   8.164   1.00 32.63 ? 2260 SER A N   1 
ATOM   162 C CA  . SER A 1 28 ? 0.256   0.873   8.868   1.00 31.81 ? 2260 SER A CA  1 
ATOM   163 C C   . SER A 1 28 ? -0.281  -0.527  8.513   1.00 32.40 ? 2260 SER A C   1 
ATOM   164 O O   . SER A 1 28 ? -1.429  -0.725  8.052   1.00 32.19 ? 2260 SER A O   1 
ATOM   165 C CB  . SER A 1 28 ? 0.125   1.101   10.366  1.00 32.28 ? 2260 SER A CB  1 
ATOM   166 O OG  . SER A 1 28 ? 0.856   2.244   10.799  1.00 34.72 ? 2260 SER A OG  1 
ATOM   167 N N   . ILE A 1 29 ? 0.557   -1.517  8.734   1.00 32.54 ? 2261 ILE A N   1 
ATOM   168 C CA  . ILE A 1 29 ? 0.193   -2.875  8.505   1.00 34.22 ? 2261 ILE A CA  1 
ATOM   169 C C   . ILE A 1 29 ? 0.386   -3.622  9.833   1.00 35.29 ? 2261 ILE A C   1 
ATOM   170 O O   . ILE A 1 29 ? 1.411   -3.492  10.453  1.00 35.43 ? 2261 ILE A O   1 
ATOM   171 C CB  . ILE A 1 29 ? 0.998   -3.526  7.387   1.00 33.36 ? 2261 ILE A CB  1 
ATOM   172 C CG1 . ILE A 1 29 ? 0.811   -2.781  6.069   1.00 35.89 ? 2261 ILE A CG1 1 
ATOM   173 C CG2 . ILE A 1 29 ? 0.595   -4.999  7.245   1.00 35.50 ? 2261 ILE A CG2 1 
ATOM   174 C CD1 . ILE A 1 29 ? 1.642   -3.306  4.891   1.00 33.43 ? 2261 ILE A CD1 1 
ATOM   175 N N   . TRP A 1 30 ? -0.636  -4.364  10.256  1.00 36.73 ? 2262 TRP A N   1 
ATOM   176 C CA  . TRP A 1 30 ? -0.595  -5.072  11.517  1.00 38.71 ? 2262 TRP A CA  1 
ATOM   177 C C   . TRP A 1 30 ? -0.150  -6.497  11.254  1.00 39.66 ? 2262 TRP A C   1 
ATOM   178 O O   . TRP A 1 30 ? -0.761  -7.228  10.476  1.00 38.34 ? 2262 TRP A O   1 
ATOM   179 C CB  . TRP A 1 30 ? -1.968  -5.016  12.174  1.00 37.94 ? 2262 TRP A CB  1 
ATOM   180 C CG  . TRP A 1 30 ? -1.998  -5.417  13.593  1.00 37.28 ? 2262 TRP A CG  1 
ATOM   181 C CD1 . TRP A 1 30 ? -2.138  -6.686  14.070  1.00 36.78 ? 2262 TRP A CD1 1 
ATOM   182 C CD2 . TRP A 1 30 ? -1.953  -4.555  14.736  1.00 36.22 ? 2262 TRP A CD2 1 
ATOM   183 N NE1 . TRP A 1 30 ? -2.162  -6.671  15.444  1.00 37.63 ? 2262 TRP A NE1 1 
ATOM   184 C CE2 . TRP A 1 30 ? -2.058  -5.379  15.880  1.00 38.13 ? 2262 TRP A CE2 1 
ATOM   185 C CE3 . TRP A 1 30 ? -1.855  -3.164  14.906  1.00 37.41 ? 2262 TRP A CE3 1 
ATOM   186 C CZ2 . TRP A 1 30 ? -2.063  -4.864  17.189  1.00 37.98 ? 2262 TRP A CZ2 1 
ATOM   187 C CZ3 . TRP A 1 30 ? -1.844  -2.652  16.201  1.00 37.24 ? 2262 TRP A CZ3 1 
ATOM   188 C CH2 . TRP A 1 30 ? -1.969  -3.503  17.325  1.00 37.32 ? 2262 TRP A CH2 1 
ATOM   189 N N   . THR A 1 31 ? 0.969   -6.853  11.877  1.00 43.11 ? 2263 THR A N   1 
ATOM   190 C CA  . THR A 1 31 ? 1.673   -8.101  11.568  1.00 45.61 ? 2263 THR A CA  1 
ATOM   191 C C   . THR A 1 31 ? 1.645   -9.125  12.720  1.00 47.21 ? 2263 THR A C   1 
ATOM   192 O O   . THR A 1 31 ? 1.980   -10.295 12.501  1.00 48.37 ? 2263 THR A O   1 
ATOM   193 C CB  . THR A 1 31 ? 3.148   -7.841  11.136  1.00 45.25 ? 2263 THR A CB  1 
ATOM   194 O OG1 . THR A 1 31 ? 3.820   -7.112  12.164  1.00 48.37 ? 2263 THR A OG1 1 
ATOM   195 C CG2 . THR A 1 31 ? 3.230   -7.040  9.869   1.00 45.10 ? 2263 THR A CG2 1 
ATOM   196 N N   . ARG A 1 32 ? 1.225   -8.696  13.914  1.00 49.20 ? 2264 ARG A N   1 
ATOM   197 C CA  . ARG A 1 32 ? 1.275   -9.519  15.121  1.00 51.39 ? 2264 ARG A CA  1 
ATOM   198 C C   . ARG A 1 32 ? 0.611   -10.878 14.961  1.00 51.71 ? 2264 ARG A C   1 
ATOM   199 O O   . ARG A 1 32 ? 1.138   -11.880 15.458  1.00 52.31 ? 2264 ARG A O   1 
ATOM   200 C CB  . ARG A 1 32 ? 0.647   -8.803  16.326  1.00 51.43 ? 2264 ARG A CB  1 
ATOM   201 C CG  . ARG A 1 32 ? 1.451   -7.664  16.905  1.00 53.20 ? 2264 ARG A CG  1 
ATOM   202 C CD  . ARG A 1 32 ? 0.731   -7.053  18.091  1.00 54.52 ? 2264 ARG A CD  1 
ATOM   203 N NE  . ARG A 1 32 ? 0.615   -7.999  19.196  1.00 63.01 ? 2264 ARG A NE  1 
ATOM   204 C CZ  . ARG A 1 32 ? 1.486   -8.083  20.204  1.00 66.96 ? 2264 ARG A CZ  1 
ATOM   205 N NH1 . ARG A 1 32 ? 2.538   -7.260  20.269  1.00 67.00 ? 2264 ARG A NH1 1 
ATOM   206 N NH2 . ARG A 1 32 ? 1.301   -8.997  21.153  1.00 68.72 ? 2264 ARG A NH2 1 
ATOM   207 N N   . GLU A 1 33 ? -0.547  -10.924 14.298  1.00 51.51 ? 2265 GLU A N   1 
ATOM   208 C CA  . GLU A 1 33 ? -1.318  -12.178 14.236  1.00 52.33 ? 2265 GLU A CA  1 
ATOM   209 C C   . GLU A 1 33 ? -0.927  -13.045 13.044  1.00 51.59 ? 2265 GLU A C   1 
ATOM   210 O O   . GLU A 1 33 ? -1.349  -14.196 12.963  1.00 51.31 ? 2265 GLU A O   1 
ATOM   211 C CB  . GLU A 1 33 ? -2.863  -11.981 14.247  1.00 52.48 ? 2265 GLU A CB  1 
ATOM   212 C CG  . GLU A 1 33 ? -3.472  -10.771 14.996  1.00 56.27 ? 2265 GLU A CG  1 
ATOM   213 C CD  . GLU A 1 33 ? -3.068  -10.605 16.461  1.00 62.25 ? 2265 GLU A CD  1 
ATOM   214 O OE1 . GLU A 1 33 ? -2.598  -11.592 17.077  1.00 64.27 ? 2265 GLU A OE1 1 
ATOM   215 O OE2 . GLU A 1 33 ? -3.244  -9.467  17.001  1.00 64.10 ? 2265 GLU A OE2 1 
ATOM   216 N N   . ALA A 1 34 ? -0.126  -12.476 12.140  1.00 50.74 ? 2266 ALA A N   1 
ATOM   217 C CA  . ALA A 1 34 ? 0.224   -13.081 10.850  1.00 50.31 ? 2266 ALA A CA  1 
ATOM   218 C C   . ALA A 1 34 ? 1.393   -14.069 10.956  1.00 49.68 ? 2266 ALA A C   1 
ATOM   219 O O   . ALA A 1 34 ? 2.236   -13.975 11.862  1.00 50.17 ? 2266 ALA A O   1 
ATOM   220 C CB  . ALA A 1 34 ? 0.593   -11.988 9.880   1.00 51.12 ? 2266 ALA A CB  1 
ATOM   221 N N   . GLY A 1 35 ? 1.450   -15.013 10.033  1.00 48.70 ? 2267 GLY A N   1 
ATOM   222 C CA  . GLY A 1 35 ? 2.591   -15.890 9.964   1.00 47.79 ? 2267 GLY A CA  1 
ATOM   223 C C   . GLY A 1 35 ? 3.735   -15.209 9.243   1.00 47.08 ? 2267 GLY A C   1 
ATOM   224 O O   . GLY A 1 35 ? 3.735   -14.004 9.035   1.00 47.31 ? 2267 GLY A O   1 
ATOM   225 N N   . ALA A 1 36 ? 4.724   -16.001 8.857   1.00 45.59 ? 2268 ALA A N   1 
ATOM   226 C CA  . ALA A 1 36 ? 5.839   -15.511 8.099   1.00 43.27 ? 2268 ALA A CA  1 
ATOM   227 C C   . ALA A 1 36 ? 5.433   -15.601 6.628   1.00 41.96 ? 2268 ALA A C   1 
ATOM   228 O O   . ALA A 1 36 ? 4.658   -16.481 6.252   1.00 42.56 ? 2268 ALA A O   1 
ATOM   229 C CB  . ALA A 1 36 ? 6.997   -16.387 8.380   1.00 43.96 ? 2268 ALA A CB  1 
ATOM   230 N N   . GLY A 1 37 ? 5.923   -14.703 5.792   1.00 39.94 ? 2269 GLY A N   1 
ATOM   231 C CA  . GLY A 1 37 ? 5.575   -14.759 4.385   1.00 38.76 ? 2269 GLY A CA  1 
ATOM   232 C C   . GLY A 1 37 ? 6.097   -13.535 3.689   1.00 38.58 ? 2269 GLY A C   1 
ATOM   233 O O   . GLY A 1 37 ? 6.695   -12.649 4.319   1.00 38.14 ? 2269 GLY A O   1 
ATOM   234 N N   . GLY A 1 38 ? 5.878   -13.494 2.388   1.00 38.05 ? 2270 GLY A N   1 
ATOM   235 C CA  . GLY A 1 38 ? 6.195   -12.321 1.597   1.00 38.89 ? 2270 GLY A CA  1 
ATOM   236 C C   . GLY A 1 38 ? 5.018   -11.333 1.580   1.00 40.14 ? 2270 GLY A C   1 
ATOM   237 O O   . GLY A 1 38 ? 3.863   -11.729 1.300   1.00 38.83 ? 2270 GLY A O   1 
ATOM   238 N N   . LEU A 1 39 ? 5.368   -10.065 1.863   1.00 38.88 ? 2271 LEU A N   1 
ATOM   239 C CA  . LEU A 1 39 ? 4.464   -8.949  1.944   1.00 39.43 ? 2271 LEU A CA  1 
ATOM   240 C C   . LEU A 1 39 ? 4.789   -7.991  0.802   1.00 39.69 ? 2271 LEU A C   1 
ATOM   241 O O   . LEU A 1 39 ? 5.890   -7.447  0.756   1.00 38.99 ? 2271 LEU A O   1 
ATOM   242 C CB  . LEU A 1 39 ? 4.612   -8.262  3.316   1.00 39.40 ? 2271 LEU A CB  1 
ATOM   243 C CG  . LEU A 1 39 ? 3.578   -7.163  3.616   1.00 41.84 ? 2271 LEU A CG  1 
ATOM   244 C CD1 . LEU A 1 39 ? 2.166   -7.722  3.649   1.00 38.92 ? 2271 LEU A CD1 1 
ATOM   245 C CD2 . LEU A 1 39 ? 3.917   -6.378  4.891   1.00 38.35 ? 2271 LEU A CD2 1 
ATOM   246 N N   . ALA A 1 40 ? 3.856   -7.846  -0.145  1.00 38.53 ? 2272 ALA A N   1 
ATOM   247 C CA  . ALA A 1 40 ? 4.020   -6.887  -1.218  1.00 38.65 ? 2272 ALA A CA  1 
ATOM   248 C C   . ALA A 1 40 ? 2.986   -5.746  -1.201  1.00 38.58 ? 2272 ALA A C   1 
ATOM   249 O O   . ALA A 1 40 ? 1.782   -5.981  -1.012  1.00 38.29 ? 2272 ALA A O   1 
ATOM   250 C CB  . ALA A 1 40 ? 4.027   -7.583  -2.574  1.00 38.68 ? 2272 ALA A CB  1 
ATOM   251 N N   . ILE A 1 41 ? 3.493   -4.525  -1.375  1.00 37.79 ? 2273 ILE A N   1 
ATOM   252 C CA  . ILE A 1 41 ? 2.715   -3.325  -1.527  1.00 36.88 ? 2273 ILE A CA  1 
ATOM   253 C C   . ILE A 1 41 ? 2.870   -2.840  -2.966  1.00 37.35 ? 2273 ILE A C   1 
ATOM   254 O O   . ILE A 1 41 ? 3.984   -2.702  -3.479  1.00 37.58 ? 2273 ILE A O   1 
ATOM   255 C CB  . ILE A 1 41 ? 3.111   -2.234  -0.471  1.00 38.55 ? 2273 ILE A CB  1 
ATOM   256 C CG1 . ILE A 1 41 ? 2.635   -2.674  0.920   1.00 40.26 ? 2273 ILE A CG1 1 
ATOM   257 C CG2 . ILE A 1 41 ? 2.392   -0.895  -0.747  1.00 33.81 ? 2273 ILE A CG2 1 
ATOM   258 C CD1 . ILE A 1 41 ? 3.638   -3.305  1.722   1.00 45.15 ? 2273 ILE A CD1 1 
ATOM   259 N N   . ALA A 1 42 ? 1.757   -2.653  -3.660  1.00 36.08 ? 2274 ALA A N   1 
ATOM   260 C CA  . ALA A 1 42 ? 1.822   -2.110  -4.989  1.00 36.92 ? 2274 ALA A CA  1 
ATOM   261 C C   . ALA A 1 42 ? 0.901   -0.909  -5.046  1.00 37.61 ? 2274 ALA A C   1 
ATOM   262 O O   . ALA A 1 42 ? -0.140  -0.893  -4.370  1.00 36.95 ? 2274 ALA A O   1 
ATOM   263 C CB  . ALA A 1 42 ? 1.417   -3.147  -6.023  1.00 35.60 ? 2274 ALA A CB  1 
ATOM   264 N N   . VAL A 1 43 ? 1.262   0.060   -5.888  1.00 38.09 ? 2275 VAL A N   1 
ATOM   265 C CA  . VAL A 1 43 ? 0.408   1.181   -6.236  1.00 38.35 ? 2275 VAL A CA  1 
ATOM   266 C C   . VAL A 1 43 ? 0.265   1.179   -7.730  1.00 40.15 ? 2275 VAL A C   1 
ATOM   267 O O   . VAL A 1 43 ? 1.272   1.082   -8.450  1.00 40.55 ? 2275 VAL A O   1 
ATOM   268 C CB  . VAL A 1 43 ? 1.009   2.517   -5.768  1.00 38.41 ? 2275 VAL A CB  1 
ATOM   269 C CG1 . VAL A 1 43 ? 0.111   3.674   -6.170  1.00 38.67 ? 2275 VAL A CG1 1 
ATOM   270 C CG2 . VAL A 1 43 ? 1.217   2.488   -4.259  1.00 37.81 ? 2275 VAL A CG2 1 
ATOM   271 N N   . GLU A 1 44 ? -0.983  1.261   -8.186  1.00 40.43 ? 2276 GLU A N   1 
ATOM   272 C CA  . GLU A 1 44 ? -1.322  1.251   -9.568  1.00 41.86 ? 2276 GLU A CA  1 
ATOM   273 C C   . GLU A 1 44 ? -2.206  2.464   -9.914  1.00 42.59 ? 2276 GLU A C   1 
ATOM   274 O O   . GLU A 1 44 ? -3.265  2.668   -9.332  1.00 42.36 ? 2276 GLU A O   1 
ATOM   275 C CB  . GLU A 1 44 ? -2.052  -0.051  -9.821  1.00 42.40 ? 2276 GLU A CB  1 
ATOM   276 C CG  . GLU A 1 44 ? -2.341  -0.382  -11.223 1.00 47.76 ? 2276 GLU A CG  1 
ATOM   277 C CD  . GLU A 1 44 ? -3.009  -1.738  -11.312 1.00 54.60 ? 2276 GLU A CD  1 
ATOM   278 O OE1 . GLU A 1 44 ? -2.536  -2.657  -10.588 1.00 54.39 ? 2276 GLU A OE1 1 
ATOM   279 O OE2 . GLU A 1 44 ? -4.001  -1.861  -12.082 1.00 56.45 ? 2276 GLU A OE2 1 
ATOM   280 N N   . GLY A 1 45 ? -1.743  3.310   -10.822 1.00 44.03 ? 2277 GLY A N   1 
ATOM   281 C CA  . GLY A 1 45 ? -2.559  4.440   -11.242 1.00 45.85 ? 2277 GLY A CA  1 
ATOM   282 C C   . GLY A 1 45 ? -1.892  5.236   -12.343 1.00 46.33 ? 2277 GLY A C   1 
ATOM   283 O O   . GLY A 1 45 ? -1.022  4.707   -13.033 1.00 47.17 ? 2277 GLY A O   1 
ATOM   284 N N   . PRO A 1 46 ? -2.333  6.480   -12.548 1.00 46.34 ? 2278 PRO A N   1 
ATOM   285 C CA  . PRO A 1 46 ? -1.841  7.341   -13.628 1.00 46.98 ? 2278 PRO A CA  1 
ATOM   286 C C   . PRO A 1 46 ? -0.367  7.792   -13.590 1.00 47.73 ? 2278 PRO A C   1 
ATOM   287 O O   . PRO A 1 46 ? 0.068   8.502   -14.514 1.00 48.16 ? 2278 PRO A O   1 
ATOM   288 C CB  . PRO A 1 46 ? -2.790  8.547   -13.575 1.00 47.05 ? 2278 PRO A CB  1 
ATOM   289 C CG  . PRO A 1 46 ? -3.334  8.548   -12.183 1.00 47.03 ? 2278 PRO A CG  1 
ATOM   290 C CD  . PRO A 1 46 ? -3.459  7.103   -11.824 1.00 46.34 ? 2278 PRO A CD  1 
ATOM   291 N N   . SER A 1 47 ? 0.383   7.390   -12.559 1.00 47.08 ? 2279 SER A N   1 
ATOM   292 C CA  . SER A 1 47 ? 1.804   7.676   -12.442 1.00 45.92 ? 2279 SER A CA  1 
ATOM   293 C C   . SER A 1 47 ? 2.475   6.677   -11.527 1.00 45.67 ? 2279 SER A C   1 
ATOM   294 O O   . SER A 1 47 ? 1.815   5.844   -10.899 1.00 46.10 ? 2279 SER A O   1 
ATOM   295 C CB  . SER A 1 47 ? 2.068   9.094   -11.935 1.00 46.96 ? 2279 SER A CB  1 
ATOM   296 O OG  . SER A 1 47 ? 1.799   9.229   -10.543 1.00 46.50 ? 2279 SER A OG  1 
ATOM   297 N N   . LYS A 1 48 ? 3.794   6.755   -11.455 1.00 44.60 ? 2280 LYS A N   1 
ATOM   298 C CA  . LYS A 1 48 ? 4.570   5.842   -10.671 1.00 44.61 ? 2280 LYS A CA  1 
ATOM   299 C C   . LYS A 1 48 ? 4.680   6.342   -9.237  1.00 43.79 ? 2280 LYS A C   1 
ATOM   300 O O   . LYS A 1 48 ? 4.692   7.551   -8.986  1.00 45.15 ? 2280 LYS A O   1 
ATOM   301 C CB  . LYS A 1 48 ? 5.967   5.731   -11.270 1.00 45.44 ? 2280 LYS A CB  1 
ATOM   302 C CG  . LYS A 1 48 ? 6.145   4.601   -12.249 1.00 49.34 ? 2280 LYS A CG  1 
ATOM   303 C CD  . LYS A 1 48 ? 6.943   3.529   -11.536 1.00 54.34 ? 2280 LYS A CD  1 
ATOM   304 C CE  . LYS A 1 48 ? 7.018   2.217   -12.276 1.00 54.63 ? 2280 LYS A CE  1 
ATOM   305 N NZ  . LYS A 1 48 ? 7.861   1.271   -11.473 1.00 54.00 ? 2280 LYS A NZ  1 
ATOM   306 N N   . ALA A 1 49 ? 4.825   5.414   -8.300  1.00 42.07 ? 2281 ALA A N   1 
ATOM   307 C CA  . ALA A 1 49 ? 4.984   5.748   -6.900  1.00 41.71 ? 2281 ALA A CA  1 
ATOM   308 C C   . ALA A 1 49 ? 6.399   5.406   -6.503  1.00 41.92 ? 2281 ALA A C   1 
ATOM   309 O O   . ALA A 1 49 ? 7.014   4.508   -7.087  1.00 41.69 ? 2281 ALA A O   1 
ATOM   310 C CB  . ALA A 1 49 ? 3.983   4.910   -6.033  1.00 40.44 ? 2281 ALA A CB  1 
ATOM   311 N N   . GLU A 1 50 ? 6.901   6.136   -5.526  1.00 41.99 ? 2282 GLU A N   1 
ATOM   312 C CA  . GLU A 1 50 ? 7.946   5.675   -4.641  1.00 43.60 ? 2282 GLU A CA  1 
ATOM   313 C C   . GLU A 1 50 ? 7.186   5.166   -3.399  1.00 42.88 ? 2282 GLU A C   1 
ATOM   314 O O   . GLU A 1 50 ? 6.291   5.859   -2.919  1.00 42.39 ? 2282 GLU A O   1 
ATOM   315 C CB  . GLU A 1 50 ? 8.828   6.850   -4.185  1.00 43.51 ? 2282 GLU A CB  1 
ATOM   316 C CG  . GLU A 1 50 ? 9.810   7.387   -5.183  1.00 49.79 ? 2282 GLU A CG  1 
ATOM   317 C CD  . GLU A 1 50 ? 9.440   8.735   -5.712  1.00 54.19 ? 2282 GLU A CD  1 
ATOM   318 O OE1 . GLU A 1 50 ? 8.282   9.180   -5.502  1.00 56.77 ? 2282 GLU A OE1 1 
ATOM   319 O OE2 . GLU A 1 50 ? 10.311  9.343   -6.360  1.00 55.33 ? 2282 GLU A OE2 1 
ATOM   320 N N   . ILE A 1 51 ? 7.571   3.990   -2.899  1.00 42.73 ? 2283 ILE A N   1 
ATOM   321 C CA  . ILE A 1 51 ? 6.970   3.294   -1.772  1.00 42.57 ? 2283 ILE A CA  1 
ATOM   322 C C   . ILE A 1 51 ? 8.084   2.844   -0.837  1.00 44.33 ? 2283 ILE A C   1 
ATOM   323 O O   . ILE A 1 51 ? 8.968   2.116   -1.275  1.00 44.50 ? 2283 ILE A O   1 
ATOM   324 C CB  . ILE A 1 51 ? 6.215   1.988   -2.230  1.00 42.22 ? 2283 ILE A CB  1 
ATOM   325 C CG1 . ILE A 1 51 ? 5.323   2.261   -3.448  1.00 41.93 ? 2283 ILE A CG1 1 
ATOM   326 C CG2 . ILE A 1 51 ? 5.438   1.376   -1.071  1.00 39.39 ? 2283 ILE A CG2 1 
ATOM   327 C CD1 . ILE A 1 51 ? 4.881   1.082   -4.281  1.00 40.39 ? 2283 ILE A CD1 1 
ATOM   328 N N   . SER A 1 52 ? 8.030   3.239   0.443   1.00 45.27 ? 2284 SER A N   1 
ATOM   329 C CA  . SER A 1 52 ? 8.978   2.739   1.452   1.00 46.70 ? 2284 SER A CA  1 
ATOM   330 C C   . SER A 1 52 ? 8.302   2.039   2.609   1.00 46.97 ? 2284 SER A C   1 
ATOM   331 O O   . SER A 1 52 ? 7.262   2.470   3.044   1.00 46.00 ? 2284 SER A O   1 
ATOM   332 C CB  . SER A 1 52 ? 9.799   3.886   2.097   1.00 46.75 ? 2284 SER A CB  1 
ATOM   333 O OG  . SER A 1 52 ? 10.488  4.606   1.129   1.00 45.39 ? 2284 SER A OG  1 
ATOM   334 N N   . PHE A 1 53 ? 8.946   1.014   3.152   1.00 48.19 ? 2285 PHE A N   1 
ATOM   335 C CA  . PHE A 1 53 ? 8.589   0.537   4.467   1.00 50.23 ? 2285 PHE A CA  1 
ATOM   336 C C   . PHE A 1 53 ? 9.258   1.388   5.488   1.00 52.97 ? 2285 PHE A C   1 
ATOM   337 O O   . PHE A 1 53 ? 10.184  2.131   5.167   1.00 54.04 ? 2285 PHE A O   1 
ATOM   338 C CB  . PHE A 1 53 ? 9.007   -0.907  4.666   1.00 48.80 ? 2285 PHE A CB  1 
ATOM   339 C CG  . PHE A 1 53 ? 8.169   -1.859  3.923   1.00 47.39 ? 2285 PHE A CG  1 
ATOM   340 C CD1 . PHE A 1 53 ? 6.868   -2.125  4.337   1.00 44.47 ? 2285 PHE A CD1 1 
ATOM   341 C CD2 . PHE A 1 53 ? 8.666   -2.487  2.802   1.00 43.03 ? 2285 PHE A CD2 1 
ATOM   342 C CE1 . PHE A 1 53 ? 6.070   -3.013  3.633   1.00 43.31 ? 2285 PHE A CE1 1 
ATOM   343 C CE2 . PHE A 1 53 ? 7.887   -3.359  2.087   1.00 43.88 ? 2285 PHE A CE2 1 
ATOM   344 C CZ  . PHE A 1 53 ? 6.583   -3.636  2.500   1.00 45.24 ? 2285 PHE A CZ  1 
ATOM   345 N N   . GLU A 1 54 ? 8.827   1.259   6.741   1.00 55.73 ? 2286 GLU A N   1 
ATOM   346 C CA  . GLU A 1 54 ? 9.551   1.887   7.828   1.00 57.62 ? 2286 GLU A CA  1 
ATOM   347 C C   . GLU A 1 54 ? 9.318   1.144   9.131   1.00 58.73 ? 2286 GLU A C   1 
ATOM   348 O O   . GLU A 1 54 ? 8.167   1.001   9.563   1.00 59.73 ? 2286 GLU A O   1 
ATOM   349 C CB  . GLU A 1 54 ? 9.154   3.363   7.943   1.00 58.72 ? 2286 GLU A CB  1 
ATOM   350 C CG  . GLU A 1 54 ? 7.669   3.634   7.931   1.00 59.87 ? 2286 GLU A CG  1 
ATOM   351 C CD  . GLU A 1 54 ? 7.316   4.686   6.940   1.00 61.93 ? 2286 GLU A CD  1 
ATOM   352 O OE1 . GLU A 1 54 ? 6.730   5.711   7.333   1.00 63.70 ? 2286 GLU A OE1 1 
ATOM   353 O OE2 . GLU A 1 54 ? 7.640   4.497   5.749   1.00 64.79 ? 2286 GLU A OE2 1 
ATOM   354 N N   . SER A 1 60 ? 3.848   -4.966  13.765  1.00 55.08 ? 2292 SER A N   1 
ATOM   355 C CA  . SER A 1 60 ? 3.398   -3.916  12.827  1.00 54.58 ? 2292 SER A CA  1 
ATOM   356 C C   . SER A 1 60 ? 4.494   -3.025  12.128  1.00 54.37 ? 2292 SER A C   1 
ATOM   357 O O   . SER A 1 60 ? 5.544   -2.644  12.705  1.00 54.65 ? 2292 SER A O   1 
ATOM   358 C CB  . SER A 1 60 ? 2.300   -3.060  13.486  1.00 54.88 ? 2292 SER A CB  1 
ATOM   359 O OG  . SER A 1 60 ? 2.341   -1.705  13.058  1.00 54.82 ? 2292 SER A OG  1 
ATOM   360 N N   . CYS A 1 61 ? 4.232   -2.712  10.860  1.00 52.57 ? 2293 CYS A N   1 
ATOM   361 C CA  . CYS A 1 61 ? 5.082   -1.803  10.121  1.00 49.69 ? 2293 CYS A CA  1 
ATOM   362 C C   . CYS A 1 61 ? 4.301   -0.636  9.479   1.00 47.73 ? 2293 CYS A C   1 
ATOM   363 O O   . CYS A 1 61 ? 3.079   -0.617  9.441   1.00 45.45 ? 2293 CYS A O   1 
ATOM   364 C CB  . CYS A 1 61 ? 5.878   -2.551  9.075   1.00 50.06 ? 2293 CYS A CB  1 
ATOM   365 S SG  . CYS A 1 61 ? 4.987   -3.328  7.798   1.00 50.38 ? 2293 CYS A SG  1 
ATOM   366 N N   . GLY A 1 62 ? 5.062   0.336   9.013   1.00 45.87 ? 2294 GLY A N   1 
ATOM   367 C CA  . GLY A 1 62 ? 4.565   1.517   8.333   1.00 44.47 ? 2294 GLY A CA  1 
ATOM   368 C C   . GLY A 1 62 ? 4.882   1.388   6.875   1.00 42.33 ? 2294 GLY A C   1 
ATOM   369 O O   . GLY A 1 62 ? 5.797   0.653   6.473   1.00 43.25 ? 2294 GLY A O   1 
ATOM   370 N N   . VAL A 1 63 ? 4.082   2.074   6.075   1.00 40.51 ? 2295 VAL A N   1 
ATOM   371 C CA  . VAL A 1 63 ? 4.314   2.236   4.676   1.00 37.39 ? 2295 VAL A CA  1 
ATOM   372 C C   . VAL A 1 63 ? 4.022   3.720   4.393   1.00 38.34 ? 2295 VAL A C   1 
ATOM   373 O O   . VAL A 1 63 ? 3.066   4.293   4.919   1.00 38.00 ? 2295 VAL A O   1 
ATOM   374 C CB  . VAL A 1 63 ? 3.467   1.274   3.853   1.00 37.09 ? 2295 VAL A CB  1 
ATOM   375 C CG1 . VAL A 1 63 ? 3.692   1.454   2.363   1.00 35.23 ? 2295 VAL A CG1 1 
ATOM   376 C CG2 . VAL A 1 63 ? 3.790   -0.172  4.232   1.00 36.21 ? 2295 VAL A CG2 1 
ATOM   377 N N   . ALA A 1 64 ? 4.927   4.345   3.649   1.00 36.48 ? 2296 ALA A N   1 
ATOM   378 C CA  . ALA A 1 64 ? 4.753   5.672   3.116   1.00 36.64 ? 2296 ALA A CA  1 
ATOM   379 C C   . ALA A 1 64 ? 4.940   5.530   1.601   1.00 35.55 ? 2296 ALA A C   1 
ATOM   380 O O   . ALA A 1 64 ? 5.814   4.789   1.171   1.00 35.51 ? 2296 ALA A O   1 
ATOM   381 C CB  . ALA A 1 64 ? 5.844   6.641   3.733   1.00 34.75 ? 2296 ALA A CB  1 
ATOM   382 N N   . TYR A 1 65 ? 4.111   6.212   0.815   1.00 34.90 ? 2297 TYR A N   1 
ATOM   383 C CA  . TYR A 1 65 ? 4.247   6.237   -0.639  1.00 35.36 ? 2297 TYR A CA  1 
ATOM   384 C C   . TYR A 1 65 ? 3.951   7.651   -1.161  1.00 36.10 ? 2297 TYR A C   1 
ATOM   385 O O   . TYR A 1 65 ? 3.197   8.435   -0.518  1.00 35.10 ? 2297 TYR A O   1 
ATOM   386 C CB  . TYR A 1 65 ? 3.351   5.170   -1.339  1.00 34.69 ? 2297 TYR A CB  1 
ATOM   387 C CG  . TYR A 1 65 ? 1.853   5.480   -1.289  1.00 33.75 ? 2297 TYR A CG  1 
ATOM   388 C CD1 . TYR A 1 65 ? 1.244   6.221   -2.300  1.00 34.34 ? 2297 TYR A CD1 1 
ATOM   389 C CD2 . TYR A 1 65 ? 1.050   5.032   -0.214  1.00 33.23 ? 2297 TYR A CD2 1 
ATOM   390 C CE1 . TYR A 1 65 ? -0.110  6.541   -2.266  1.00 34.80 ? 2297 TYR A CE1 1 
ATOM   391 C CE2 . TYR A 1 65 ? -0.336  5.313   -0.172  1.00 31.40 ? 2297 TYR A CE2 1 
ATOM   392 C CZ  . TYR A 1 65 ? -0.903  6.086   -1.192  1.00 35.42 ? 2297 TYR A CZ  1 
ATOM   393 O OH  . TYR A 1 65 ? -2.241  6.415   -1.164  1.00 33.51 ? 2297 TYR A OH  1 
ATOM   394 N N   . VAL A 1 66 ? 4.557   7.977   -2.309  1.00 36.69 ? 2298 VAL A N   1 
ATOM   395 C CA  . VAL A 1 66 ? 4.337   9.267   -2.997  1.00 37.33 ? 2298 VAL A CA  1 
ATOM   396 C C   . VAL A 1 66 ? 4.042   8.967   -4.452  1.00 37.27 ? 2298 VAL A C   1 
ATOM   397 O O   . VAL A 1 66 ? 4.730   8.158   -5.040  1.00 37.19 ? 2298 VAL A O   1 
ATOM   398 C CB  . VAL A 1 66 ? 5.578   10.151  -3.033  1.00 37.27 ? 2298 VAL A CB  1 
ATOM   399 C CG1 . VAL A 1 66 ? 5.178   11.545  -3.457  1.00 37.66 ? 2298 VAL A CG1 1 
ATOM   400 C CG2 . VAL A 1 66 ? 6.264   10.195  -1.702  1.00 39.56 ? 2298 VAL A CG2 1 
ATOM   401 N N   . VAL A 1 67 ? 3.011   9.597   -5.002  1.00 37.68 ? 2299 VAL A N   1 
ATOM   402 C CA  . VAL A 1 67 ? 2.711   9.551   -6.431  1.00 39.56 ? 2299 VAL A CA  1 
ATOM   403 C C   . VAL A 1 67 ? 2.834   11.001  -6.885  1.00 41.30 ? 2299 VAL A C   1 
ATOM   404 O O   . VAL A 1 67 ? 2.741   11.912  -6.055  1.00 41.82 ? 2299 VAL A O   1 
ATOM   405 C CB  . VAL A 1 67 ? 1.245   8.948   -6.749  1.00 38.58 ? 2299 VAL A CB  1 
ATOM   406 C CG1 . VAL A 1 67 ? 1.128   7.568   -6.257  1.00 38.98 ? 2299 VAL A CG1 1 
ATOM   407 C CG2 . VAL A 1 67 ? 0.156   9.785   -6.145  1.00 37.08 ? 2299 VAL A CG2 1 
ATOM   408 N N   . GLN A 1 68 ? 3.056   11.248  -8.172  1.00 43.84 ? 2300 GLN A N   1 
ATOM   409 C CA  . GLN A 1 68 ? 3.342   12.642  -8.605  1.00 45.54 ? 2300 GLN A CA  1 
ATOM   410 C C   . GLN A 1 68 ? 2.189   13.320  -9.325  1.00 45.63 ? 2300 GLN A C   1 
ATOM   411 O O   . GLN A 1 68 ? 2.177   14.547  -9.464  1.00 47.25 ? 2300 GLN A O   1 
ATOM   412 C CB  . GLN A 1 68 ? 4.646   12.731  -9.444  1.00 47.64 ? 2300 GLN A CB  1 
ATOM   413 C CG  . GLN A 1 68 ? 5.943   12.327  -8.664  1.00 49.38 ? 2300 GLN A CG  1 
ATOM   414 C CD  . GLN A 1 68 ? 6.054   13.018  -7.319  1.00 53.84 ? 2300 GLN A CD  1 
ATOM   415 O OE1 . GLN A 1 68 ? 5.667   14.187  -7.181  1.00 57.36 ? 2300 GLN A OE1 1 
ATOM   416 N NE2 . GLN A 1 68 ? 6.566   12.302  -6.316  1.00 51.39 ? 2300 GLN A NE2 1 
ATOM   417 N N   . GLU A 1 69 ? 1.204   12.533  -9.732  1.00 44.30 ? 2301 GLU A N   1 
ATOM   418 C CA  . GLU A 1 69 ? 0.070   13.033  -10.479 1.00 44.21 ? 2301 GLU A CA  1 
ATOM   419 C C   . GLU A 1 69 ? -1.245  12.756  -9.744  1.00 43.65 ? 2301 GLU A C   1 
ATOM   420 O O   . GLU A 1 69 ? -1.387  11.679  -9.130  1.00 42.42 ? 2301 GLU A O   1 
ATOM   421 C CB  . GLU A 1 69 ? 0.004   12.348  -11.874 1.00 44.17 ? 2301 GLU A CB  1 
ATOM   422 C CG  . GLU A 1 69 ? 1.145   12.674  -12.800 1.00 48.40 ? 2301 GLU A CG  1 
ATOM   423 C CD  . GLU A 1 69 ? 1.171   14.145  -13.220 1.00 54.13 ? 2301 GLU A CD  1 
ATOM   424 O OE1 . GLU A 1 69 ? 0.079   14.785  -13.332 1.00 51.45 ? 2301 GLU A OE1 1 
ATOM   425 O OE2 . GLU A 1 69 ? 2.306   14.658  -13.440 1.00 58.09 ? 2301 GLU A OE2 1 
ATOM   426 N N   . PRO A 1 70 ? -2.240  13.667  -9.891  1.00 43.09 ? 2302 PRO A N   1 
ATOM   427 C CA  . PRO A 1 70 ? -3.586  13.398  -9.365  1.00 42.37 ? 2302 PRO A CA  1 
ATOM   428 C C   . PRO A 1 70 ? -4.326  12.346  -10.200 1.00 42.29 ? 2302 PRO A C   1 
ATOM   429 O O   . PRO A 1 70 ? -3.941  12.079  -11.332 1.00 41.45 ? 2302 PRO A O   1 
ATOM   430 C CB  . PRO A 1 70 ? -4.287  14.763  -9.441  1.00 42.75 ? 2302 PRO A CB  1 
ATOM   431 C CG  . PRO A 1 70 ? -3.581  15.510  -10.604 1.00 43.78 ? 2302 PRO A CG  1 
ATOM   432 C CD  . PRO A 1 70 ? -2.144  14.968  -10.594 1.00 43.40 ? 2302 PRO A CD  1 
ATOM   433 N N   . GLY A 1 71 ? -5.387  11.743  -9.639  1.00 41.91 ? 2303 GLY A N   1 
ATOM   434 C CA  . GLY A 1 71 ? -6.056  10.629  -10.305 1.00 40.38 ? 2303 GLY A CA  1 
ATOM   435 C C   . GLY A 1 71 ? -6.426  9.551   -9.281  1.00 40.45 ? 2303 GLY A C   1 
ATOM   436 O O   . GLY A 1 71 ? -6.175  9.703   -8.063  1.00 38.85 ? 2303 GLY A O   1 
ATOM   437 N N   . ASP A 1 72 ? -7.052  8.487   -9.776  1.00 39.23 ? 2304 ASP A N   1 
ATOM   438 C CA  . ASP A 1 72 ? -7.496  7.368   -8.949  1.00 38.97 ? 2304 ASP A CA  1 
ATOM   439 C C   . ASP A 1 72 ? -6.459  6.280   -8.974  1.00 39.32 ? 2304 ASP A C   1 
ATOM   440 O O   . ASP A 1 72 ? -6.018  5.859   -10.058 1.00 38.83 ? 2304 ASP A O   1 
ATOM   441 C CB  . ASP A 1 72 ? -8.824  6.828   -9.452  1.00 39.30 ? 2304 ASP A CB  1 
ATOM   442 C CG  . ASP A 1 72 ? -9.996  7.732   -9.084  1.00 40.88 ? 2304 ASP A CG  1 
ATOM   443 O OD1 . ASP A 1 72 ? -9.883  8.545   -8.146  1.00 36.06 ? 2304 ASP A OD1 1 
ATOM   444 O OD2 . ASP A 1 72 ? -11.037 7.649   -9.740  1.00 43.18 ? 2304 ASP A OD2 1 
ATOM   445 N N   . TYR A 1 73 ? -6.050  5.833   -7.777  1.00 37.57 ? 2305 TYR A N   1 
ATOM   446 C CA  . TYR A 1 73 ? -5.012  4.835   -7.649  1.00 35.60 ? 2305 TYR A CA  1 
ATOM   447 C C   . TYR A 1 73 ? -5.564  3.683   -6.890  1.00 35.61 ? 2305 TYR A C   1 
ATOM   448 O O   . TYR A 1 73 ? -6.611  3.799   -6.234  1.00 35.20 ? 2305 TYR A O   1 
ATOM   449 C CB  . TYR A 1 73 ? -3.763  5.387   -6.951  1.00 36.61 ? 2305 TYR A CB  1 
ATOM   450 C CG  . TYR A 1 73 ? -2.957  6.443   -7.722  1.00 36.72 ? 2305 TYR A CG  1 
ATOM   451 C CD1 . TYR A 1 73 ? -1.695  6.165   -8.235  1.00 39.38 ? 2305 TYR A CD1 1 
ATOM   452 C CD2 . TYR A 1 73 ? -3.447  7.724   -7.880  1.00 40.81 ? 2305 TYR A CD2 1 
ATOM   453 C CE1 . TYR A 1 73 ? -0.940  7.142   -8.914  1.00 38.74 ? 2305 TYR A CE1 1 
ATOM   454 C CE2 . TYR A 1 73 ? -2.730  8.701   -8.548  1.00 40.17 ? 2305 TYR A CE2 1 
ATOM   455 C CZ  . TYR A 1 73 ? -1.473  8.406   -9.070  1.00 40.93 ? 2305 TYR A CZ  1 
ATOM   456 O OH  . TYR A 1 73 ? -0.783  9.415   -9.708  1.00 39.38 ? 2305 TYR A OH  1 
ATOM   457 N N   . GLU A 1 74 ? -4.930  2.533   -7.037  1.00 34.83 ? 2306 GLU A N   1 
ATOM   458 C CA  . GLU A 1 74 ? -5.259  1.384   -6.220  1.00 34.82 ? 2306 GLU A CA  1 
ATOM   459 C C   . GLU A 1 74 ? -4.001  1.001   -5.497  1.00 35.38 ? 2306 GLU A C   1 
ATOM   460 O O   . GLU A 1 74 ? -2.912  0.947   -6.103  1.00 36.07 ? 2306 GLU A O   1 
ATOM   461 C CB  . GLU A 1 74 ? -5.769  0.205   -7.027  1.00 35.60 ? 2306 GLU A CB  1 
ATOM   462 C CG  . GLU A 1 74 ? -7.309  0.057   -6.956  1.00 35.67 ? 2306 GLU A CG  1 
ATOM   463 C CD  . GLU A 1 74 ? -7.809  -1.215  -7.550  1.00 36.67 ? 2306 GLU A CD  1 
ATOM   464 O OE1 . GLU A 1 74 ? -7.003  -1.961  -8.139  1.00 42.53 ? 2306 GLU A OE1 1 
ATOM   465 O OE2 . GLU A 1 74 ? -9.010  -1.488  -7.432  1.00 38.53 ? 2306 GLU A OE2 1 
ATOM   466 N N   . VAL A 1 75 ? -4.139  0.818   -4.196  1.00 34.08 ? 2307 VAL A N   1 
ATOM   467 C CA  . VAL A 1 75 ? -3.057  0.312   -3.355  1.00 33.74 ? 2307 VAL A CA  1 
ATOM   468 C C   . VAL A 1 75 ? -3.426  -1.084  -2.958  1.00 34.08 ? 2307 VAL A C   1 
ATOM   469 O O   . VAL A 1 75 ? -4.435  -1.287  -2.316  1.00 35.37 ? 2307 VAL A O   1 
ATOM   470 C CB  . VAL A 1 75 ? -2.916  1.174   -2.111  1.00 33.43 ? 2307 VAL A CB  1 
ATOM   471 C CG1 . VAL A 1 75 ? -1.805  0.653   -1.207  1.00 32.43 ? 2307 VAL A CG1 1 
ATOM   472 C CG2 . VAL A 1 75 ? -2.722  2.663   -2.497  1.00 30.94 ? 2307 VAL A CG2 1 
ATOM   473 N N   . SER A 1 76 ? -2.636  -2.062  -3.363  1.00 35.31 ? 2308 SER A N   1 
ATOM   474 C CA  . SER A 1 76 ? -2.755  -3.420  -2.829  1.00 36.28 ? 2308 SER A CA  1 
ATOM   475 C C   . SER A 1 76 ? -1.698  -3.797  -1.829  1.00 35.38 ? 2308 SER A C   1 
ATOM   476 O O   . SER A 1 76 ? -0.541  -3.388  -1.910  1.00 32.79 ? 2308 SER A O   1 
ATOM   477 C CB  . SER A 1 76 ? -2.864  -4.508  -3.924  1.00 36.78 ? 2308 SER A CB  1 
ATOM   478 O OG  . SER A 1 76 ? -2.033  -4.186  -4.993  1.00 40.92 ? 2308 SER A OG  1 
ATOM   479 N N   . VAL A 1 77 ? -2.152  -4.558  -0.830  1.00 35.47 ? 2309 VAL A N   1 
ATOM   480 C CA  . VAL A 1 77 ? -1.283  -5.180  0.135   1.00 34.13 ? 2309 VAL A CA  1 
ATOM   481 C C   . VAL A 1 77 ? -1.617  -6.651  -0.002  1.00 35.57 ? 2309 VAL A C   1 
ATOM   482 O O   . VAL A 1 77 ? -2.771  -7.060  0.154   1.00 33.02 ? 2309 VAL A O   1 
ATOM   483 C CB  . VAL A 1 77 ? -1.553  -4.640  1.533   1.00 35.40 ? 2309 VAL A CB  1 
ATOM   484 C CG1 . VAL A 1 77 ? -0.530  -5.172  2.531   1.00 31.37 ? 2309 VAL A CG1 1 
ATOM   485 C CG2 . VAL A 1 77 ? -1.603  -3.092  1.505   1.00 33.46 ? 2309 VAL A CG2 1 
ATOM   486 N N   . LYS A 1 78 ? -0.601  -7.421  -0.403  1.00 36.81 ? 2310 LYS A N   1 
ATOM   487 C CA  . LYS A 1 78 ? -0.727  -8.852  -0.699  1.00 37.88 ? 2310 LYS A CA  1 
ATOM   488 C C   . LYS A 1 78 ? 0.260   -9.615  0.157   1.00 37.97 ? 2310 LYS A C   1 
ATOM   489 O O   . LYS A 1 78 ? 1.407   -9.169  0.331   1.00 38.11 ? 2310 LYS A O   1 
ATOM   490 C CB  . LYS A 1 78 ? -0.444  -9.138  -2.167  1.00 37.18 ? 2310 LYS A CB  1 
ATOM   491 C CG  . LYS A 1 78 ? -1.507  -8.587  -3.089  1.00 41.76 ? 2310 LYS A CG  1 
ATOM   492 C CD  . LYS A 1 78 ? -1.764  -9.510  -4.272  1.00 44.96 ? 2310 LYS A CD  1 
ATOM   493 C CE  . LYS A 1 78 ? -1.349  -8.849  -5.496  1.00 48.85 ? 2310 LYS A CE  1 
ATOM   494 N NZ  . LYS A 1 78 ? -1.923  -9.559  -6.674  1.00 51.75 ? 2310 LYS A NZ  1 
ATOM   495 N N   . PHE A 1 79 ? -0.194  -10.730 0.721   1.00 37.99 ? 2311 PHE A N   1 
ATOM   496 C CA  . PHE A 1 79 ? 0.641   -11.589 1.565   1.00 38.86 ? 2311 PHE A CA  1 
ATOM   497 C C   . PHE A 1 79 ? 0.704   -12.948 0.867   1.00 39.41 ? 2311 PHE A C   1 
ATOM   498 O O   . PHE A 1 79 ? -0.340  -13.526 0.560   1.00 39.07 ? 2311 PHE A O   1 
ATOM   499 C CB  . PHE A 1 79 ? 0.084   -11.658 3.006   1.00 39.21 ? 2311 PHE A CB  1 
ATOM   500 C CG  . PHE A 1 79 ? 0.779   -12.645 3.896   1.00 38.61 ? 2311 PHE A CG  1 
ATOM   501 C CD1 . PHE A 1 79 ? 1.776   -12.250 4.736   1.00 42.40 ? 2311 PHE A CD1 1 
ATOM   502 C CD2 . PHE A 1 79 ? 0.398   -13.994 3.902   1.00 42.75 ? 2311 PHE A CD2 1 
ATOM   503 C CE1 . PHE A 1 79 ? 2.445   -13.188 5.573   1.00 43.96 ? 2311 PHE A CE1 1 
ATOM   504 C CE2 . PHE A 1 79 ? 1.061   -14.940 4.746   1.00 43.38 ? 2311 PHE A CE2 1 
ATOM   505 C CZ  . PHE A 1 79 ? 2.078   -14.527 5.564   1.00 41.29 ? 2311 PHE A CZ  1 
ATOM   506 N N   . ASN A 1 80 ? 1.928   -13.384 0.522   1.00 40.76 ? 2312 ASN A N   1 
ATOM   507 C CA  . ASN A 1 80 ? 2.154   -14.537 -0.389  1.00 41.18 ? 2312 ASN A CA  1 
ATOM   508 C C   . ASN A 1 80 ? 1.205   -14.492 -1.587  1.00 42.39 ? 2312 ASN A C   1 
ATOM   509 O O   . ASN A 1 80 ? 0.467   -15.463 -1.870  1.00 43.45 ? 2312 ASN A O   1 
ATOM   510 C CB  . ASN A 1 80 ? 2.037   -15.859 0.386   1.00 40.48 ? 2312 ASN A CB  1 
ATOM   511 C CG  . ASN A 1 80 ? 3.214   -16.065 1.342   1.00 40.28 ? 2312 ASN A CG  1 
ATOM   512 O OD1 . ASN A 1 80 ? 4.284   -15.498 1.132   1.00 37.18 ? 2312 ASN A OD1 1 
ATOM   513 N ND2 . ASN A 1 80 ? 3.019   -16.856 2.385   1.00 36.59 ? 2312 ASN A ND2 1 
ATOM   514 N N   . GLU A 1 81 ? 1.173   -13.326 -2.239  1.00 43.98 ? 2313 GLU A N   1 
ATOM   515 C CA  . GLU A 1 81 ? 0.400   -13.085 -3.502  1.00 45.29 ? 2313 GLU A CA  1 
ATOM   516 C C   . GLU A 1 81 ? -1.121  -13.108 -3.403  1.00 44.56 ? 2313 GLU A C   1 
ATOM   517 O O   . GLU A 1 81 ? -1.823  -13.164 -4.442  1.00 45.82 ? 2313 GLU A O   1 
ATOM   518 C CB  . GLU A 1 81 ? 0.821   -14.067 -4.601  1.00 46.39 ? 2313 GLU A CB  1 
ATOM   519 C CG  . GLU A 1 81 ? 2.258   -14.422 -4.581  1.00 49.50 ? 2313 GLU A CG  1 
ATOM   520 C CD  . GLU A 1 81 ? 3.141   -13.628 -5.500  1.00 55.65 ? 2313 GLU A CD  1 
ATOM   521 O OE1 . GLU A 1 81 ? 3.632   -14.246 -6.498  1.00 55.47 ? 2313 GLU A OE1 1 
ATOM   522 O OE2 . GLU A 1 81 ? 3.390   -12.425 -5.203  1.00 57.27 ? 2313 GLU A OE2 1 
ATOM   523 N N   . GLU A 1 82 ? -1.645  -13.076 -2.174  1.00 43.49 ? 2314 GLU A N   1 
ATOM   524 C CA  . GLU A 1 82 ? -3.078  -12.985 -1.939  1.00 41.56 ? 2314 GLU A CA  1 
ATOM   525 C C   . GLU A 1 82 ? -3.395  -11.639 -1.264  1.00 39.59 ? 2314 GLU A C   1 
ATOM   526 O O   . GLU A 1 82 ? -2.789  -11.283 -0.249  1.00 37.82 ? 2314 GLU A O   1 
ATOM   527 C CB  . GLU A 1 82 ? -3.518  -14.133 -1.024  1.00 43.55 ? 2314 GLU A CB  1 
ATOM   528 C CG  . GLU A 1 82 ? -4.692  -14.956 -1.484  1.00 51.43 ? 2314 GLU A CG  1 
ATOM   529 C CD  . GLU A 1 82 ? -4.426  -15.795 -2.745  1.00 59.06 ? 2314 GLU A CD  1 
ATOM   530 O OE1 . GLU A 1 82 ? -3.386  -16.482 -2.801  1.00 61.38 ? 2314 GLU A OE1 1 
ATOM   531 O OE2 . GLU A 1 82 ? -5.281  -15.788 -3.671  1.00 61.11 ? 2314 GLU A OE2 1 
ATOM   532 N N   . HIS A 1 83 ? -4.370  -10.917 -1.822  1.00 36.87 ? 2315 HIS A N   1 
ATOM   533 C CA  . HIS A 1 83 ? -4.906  -9.715  -1.225  1.00 34.91 ? 2315 HIS A CA  1 
ATOM   534 C C   . HIS A 1 83 ? -5.252  -9.926  0.245   1.00 34.25 ? 2315 HIS A C   1 
ATOM   535 O O   . HIS A 1 83 ? -5.918  -10.904 0.589   1.00 34.93 ? 2315 HIS A O   1 
ATOM   536 C CB  . HIS A 1 83 ? -6.137  -9.281  -2.029  1.00 34.48 ? 2315 HIS A CB  1 
ATOM   537 C CG  . HIS A 1 83 ? -5.774  -8.545  -3.270  1.00 33.23 ? 2315 HIS A CG  1 
ATOM   538 N ND1 . HIS A 1 83 ? -5.118  -7.331  -3.238  1.00 31.25 ? 2315 HIS A ND1 1 
ATOM   539 C CD2 . HIS A 1 83 ? -5.918  -8.869  -4.573  1.00 33.14 ? 2315 HIS A CD2 1 
ATOM   540 C CE1 . HIS A 1 83 ? -4.894  -6.929  -4.475  1.00 38.95 ? 2315 HIS A CE1 1 
ATOM   541 N NE2 . HIS A 1 83 ? -5.360  -7.849  -5.305  1.00 37.55 ? 2315 HIS A NE2 1 
ATOM   542 N N   . ILE A 1 84 ? -4.773  -9.059  1.135   1.00 32.68 ? 2316 ILE A N   1 
ATOM   543 C CA  . ILE A 1 84 ? -5.234  -9.103  2.568   1.00 32.39 ? 2316 ILE A CA  1 
ATOM   544 C C   . ILE A 1 84 ? -6.724  -8.618  2.606   1.00 33.03 ? 2316 ILE A C   1 
ATOM   545 O O   . ILE A 1 84 ? -7.233  -8.178  1.536   1.00 32.14 ? 2316 ILE A O   1 
ATOM   546 C CB  . ILE A 1 84 ? -4.308  -8.261  3.510   1.00 32.73 ? 2316 ILE A CB  1 
ATOM   547 C CG1 . ILE A 1 84 ? -4.413  -6.764  3.186   1.00 30.83 ? 2316 ILE A CG1 1 
ATOM   548 C CG2 . ILE A 1 84 ? -2.862  -8.772  3.422   1.00 32.47 ? 2316 ILE A CG2 1 
ATOM   549 C CD1 . ILE A 1 84 ? -3.831  -5.873  4.232   1.00 30.77 ? 2316 ILE A CD1 1 
ATOM   550 N N   . PRO A 1 85 ? -7.430  -8.671  3.785   1.00 32.01 ? 2317 PRO A N   1 
ATOM   551 C CA  . PRO A 1 85 ? -8.822  -8.129  3.746   1.00 32.60 ? 2317 PRO A CA  1 
ATOM   552 C C   . PRO A 1 85 ? -8.884  -6.698  3.249   1.00 32.06 ? 2317 PRO A C   1 
ATOM   553 O O   . PRO A 1 85 ? -8.104  -5.876  3.731   1.00 32.42 ? 2317 PRO A O   1 
ATOM   554 C CB  . PRO A 1 85 ? -9.238  -8.101  5.239   1.00 33.04 ? 2317 PRO A CB  1 
ATOM   555 C CG  . PRO A 1 85 ? -8.405  -9.142  5.880   1.00 32.02 ? 2317 PRO A CG  1 
ATOM   556 C CD  . PRO A 1 85 ? -7.078  -9.135  5.143   1.00 32.16 ? 2317 PRO A CD  1 
ATOM   557 N N   . ASP A 1 86 ? -9.830  -6.388  2.350   1.00 32.21 ? 2318 ASP A N   1 
ATOM   558 C CA  . ASP A 1 86 ? -10.060 -5.010  1.870   1.00 33.23 ? 2318 ASP A CA  1 
ATOM   559 C C   . ASP A 1 86 ? -9.134  -4.546  0.797   1.00 32.49 ? 2318 ASP A C   1 
ATOM   560 O O   . ASP A 1 86 ? -9.378  -3.481  0.178   1.00 30.23 ? 2318 ASP A O   1 
ATOM   561 C CB  . ASP A 1 86 ? -10.058 -3.980  3.017   1.00 35.06 ? 2318 ASP A CB  1 
ATOM   562 C CG  . ASP A 1 86 ? -11.294 -4.111  3.880   1.00 42.52 ? 2318 ASP A CG  1 
ATOM   563 O OD1 . ASP A 1 86 ? -12.421 -4.090  3.318   1.00 44.45 ? 2318 ASP A OD1 1 
ATOM   564 O OD2 . ASP A 1 86 ? -11.122 -4.290  5.105   1.00 50.53 ? 2318 ASP A OD2 1 
ATOM   565 N N   . SER A 1 87 ? -8.075  -5.329  0.548   1.00 31.84 ? 2319 SER A N   1 
ATOM   566 C CA  . SER A 1 87 ? -7.165  -5.010  -0.580  1.00 31.17 ? 2319 SER A CA  1 
ATOM   567 C C   . SER A 1 87 ? -7.793  -5.522  -1.861  1.00 31.93 ? 2319 SER A C   1 
ATOM   568 O O   . SER A 1 87 ? -8.380  -6.627  -1.883  1.00 32.67 ? 2319 SER A O   1 
ATOM   569 C CB  . SER A 1 87 ? -5.783  -5.638  -0.350  1.00 31.43 ? 2319 SER A CB  1 
ATOM   570 O OG  . SER A 1 87 ? -4.950  -5.418  -1.464  1.00 30.89 ? 2319 SER A OG  1 
ATOM   571 N N   . PRO A 1 88 ? -7.693  -4.747  -2.949  1.00 31.12 ? 2320 PRO A N   1 
ATOM   572 C CA  . PRO A 1 88 ? -7.069  -3.419  -3.169  1.00 31.22 ? 2320 PRO A CA  1 
ATOM   573 C C   . PRO A 1 88 ? -7.867  -2.193  -2.627  1.00 30.65 ? 2320 PRO A C   1 
ATOM   574 O O   . PRO A 1 88 ? -9.087  -2.193  -2.609  1.00 30.08 ? 2320 PRO A O   1 
ATOM   575 C CB  . PRO A 1 88 ? -6.882  -3.395  -4.691  1.00 31.59 ? 2320 PRO A CB  1 
ATOM   576 C CG  . PRO A 1 88 ? -8.072  -4.248  -5.217  1.00 30.95 ? 2320 PRO A CG  1 
ATOM   577 C CD  . PRO A 1 88 ? -8.239  -5.330  -4.184  1.00 29.60 ? 2320 PRO A CD  1 
ATOM   578 N N   . PHE A 1 89 ? -7.145  -1.211  -2.094  1.00 30.06 ? 2321 PHE A N   1 
ATOM   579 C CA  . PHE A 1 89 ? -7.704  0.052   -1.610  1.00 29.54 ? 2321 PHE A CA  1 
ATOM   580 C C   . PHE A 1 89 ? -7.746  1.078   -2.731  1.00 29.76 ? 2321 PHE A C   1 
ATOM   581 O O   . PHE A 1 89 ? -6.740  1.362   -3.364  1.00 28.99 ? 2321 PHE A O   1 
ATOM   582 C CB  . PHE A 1 89 ? -6.874  0.568   -0.429  1.00 27.21 ? 2321 PHE A CB  1 
ATOM   583 C CG  . PHE A 1 89 ? -6.767  -0.442  0.712   1.00 27.04 ? 2321 PHE A CG  1 
ATOM   584 C CD1 . PHE A 1 89 ? -5.752  -1.398  0.730   1.00 28.17 ? 2321 PHE A CD1 1 
ATOM   585 C CD2 . PHE A 1 89 ? -7.734  -0.456  1.747   1.00 25.29 ? 2321 PHE A CD2 1 
ATOM   586 C CE1 . PHE A 1 89 ? -5.677  -2.386  1.793   1.00 27.72 ? 2321 PHE A CE1 1 
ATOM   587 C CE2 . PHE A 1 89 ? -7.673  -1.383  2.786   1.00 27.79 ? 2321 PHE A CE2 1 
ATOM   588 C CZ  . PHE A 1 89 ? -6.636  -2.355  2.824   1.00 27.26 ? 2321 PHE A CZ  1 
ATOM   589 N N   . VAL A 1 90 ? -8.922  1.670   -2.936  1.00 29.88 ? 2322 VAL A N   1 
ATOM   590 C CA  . VAL A 1 90 ? -9.083  2.763   -3.900  1.00 29.00 ? 2322 VAL A CA  1 
ATOM   591 C C   . VAL A 1 90 ? -8.859  4.125   -3.264  1.00 29.63 ? 2322 VAL A C   1 
ATOM   592 O O   . VAL A 1 90 ? -9.544  4.497   -2.285  1.00 29.31 ? 2322 VAL A O   1 
ATOM   593 C CB  . VAL A 1 90 ? -10.499 2.693   -4.589  1.00 31.13 ? 2322 VAL A CB  1 
ATOM   594 C CG1 . VAL A 1 90 ? -10.649 3.826   -5.600  1.00 29.03 ? 2322 VAL A CG1 1 
ATOM   595 C CG2 . VAL A 1 90 ? -10.689 1.293   -5.223  1.00 27.62 ? 2322 VAL A CG2 1 
ATOM   596 N N   . VAL A 1 91 ? -7.878  4.867   -3.801  1.00 29.03 ? 2323 VAL A N   1 
ATOM   597 C CA  . VAL A 1 91 ? -7.418  6.098   -3.190  1.00 29.98 ? 2323 VAL A CA  1 
ATOM   598 C C   . VAL A 1 91 ? -7.484  7.200   -4.289  1.00 32.61 ? 2323 VAL A C   1 
ATOM   599 O O   . VAL A 1 91 ? -6.761  7.114   -5.264  1.00 32.32 ? 2323 VAL A O   1 
ATOM   600 C CB  . VAL A 1 91 ? -5.951  5.949   -2.753  1.00 30.36 ? 2323 VAL A CB  1 
ATOM   601 C CG1 . VAL A 1 91 ? -5.351  7.269   -2.253  1.00 28.84 ? 2323 VAL A CG1 1 
ATOM   602 C CG2 . VAL A 1 91 ? -5.729  4.721   -1.837  1.00 28.20 ? 2323 VAL A CG2 1 
ATOM   603 N N   . PRO A 1 92 ? -8.377  8.203   -4.139  1.00 32.64 ? 2324 PRO A N   1 
ATOM   604 C CA  . PRO A 1 92 ? -8.279  9.383   -5.005  1.00 33.40 ? 2324 PRO A CA  1 
ATOM   605 C C   . PRO A 1 92 ? -7.161  10.294  -4.531  1.00 33.80 ? 2324 PRO A C   1 
ATOM   606 O O   . PRO A 1 92 ? -6.968  10.524  -3.332  1.00 32.82 ? 2324 PRO A O   1 
ATOM   607 C CB  . PRO A 1 92 ? -9.651  10.081  -4.878  1.00 32.37 ? 2324 PRO A CB  1 
ATOM   608 C CG  . PRO A 1 92 ? -10.339 9.390   -3.675  1.00 33.82 ? 2324 PRO A CG  1 
ATOM   609 C CD  . PRO A 1 92 ? -9.484  8.269   -3.177  1.00 31.62 ? 2324 PRO A CD  1 
ATOM   610 N N   . VAL A 1 93 ? -6.421  10.805  -5.498  1.00 35.04 ? 2325 VAL A N   1 
ATOM   611 C CA  . VAL A 1 93 ? -5.222  11.543  -5.226  1.00 36.17 ? 2325 VAL A CA  1 
ATOM   612 C C   . VAL A 1 93 ? -5.468  12.950  -5.746  1.00 38.75 ? 2325 VAL A C   1 
ATOM   613 O O   . VAL A 1 93 ? -5.770  13.142  -6.926  1.00 39.13 ? 2325 VAL A O   1 
ATOM   614 C CB  . VAL A 1 93 ? -3.980  10.851  -5.835  1.00 35.73 ? 2325 VAL A CB  1 
ATOM   615 C CG1 . VAL A 1 93 ? -2.740  11.780  -5.715  1.00 33.17 ? 2325 VAL A CG1 1 
ATOM   616 C CG2 . VAL A 1 93 ? -3.712  9.519   -5.096  1.00 33.23 ? 2325 VAL A CG2 1 
ATOM   617 N N   . ALA A 1 94 ? -5.401  13.920  -4.846  1.00 40.80 ? 2326 ALA A N   1 
ATOM   618 C CA  . ALA A 1 94 ? -5.686  15.287  -5.200  1.00 43.24 ? 2326 ALA A CA  1 
ATOM   619 C C   . ALA A 1 94 ? -4.451  15.956  -5.768  1.00 46.79 ? 2326 ALA A C   1 
ATOM   620 O O   . ALA A 1 94 ? -3.296  15.530  -5.522  1.00 46.01 ? 2326 ALA A O   1 
ATOM   621 C CB  . ALA A 1 94 ? -6.184  16.072  -3.972  1.00 43.35 ? 2326 ALA A CB  1 
ATOM   622 N N   . SER A 1 95 ? -4.710  17.034  -6.519  1.00 50.51 ? 2327 SER A N   1 
ATOM   623 C CA  . SER A 1 95 ? -3.681  17.877  -7.086  1.00 53.96 ? 2327 SER A CA  1 
ATOM   624 C C   . SER A 1 95 ? -2.934  18.603  -5.974  1.00 56.24 ? 2327 SER A C   1 
ATOM   625 O O   . SER A 1 95 ? -3.512  18.906  -4.921  1.00 57.10 ? 2327 SER A O   1 
ATOM   626 C CB  . SER A 1 95 ? -4.300  18.876  -8.086  1.00 54.71 ? 2327 SER A CB  1 
ATOM   627 O OG  . SER A 1 95 ? -4.712  20.054  -7.412  1.00 55.79 ? 2327 SER A OG  1 
ATOM   628 N N   . PRO A 1 96 ? -1.633  18.879  -6.204  1.00 58.58 ? 2328 PRO A N   1 
ATOM   629 C CA  . PRO A 1 96 ? -0.824  19.531  -5.183  1.00 59.79 ? 2328 PRO A CA  1 
ATOM   630 C C   . PRO A 1 96 ? -1.045  21.046  -5.191  1.00 61.06 ? 2328 PRO A C   1 
ATOM   631 O O   . PRO A 1 96 ? -2.180  21.509  -5.413  1.00 61.84 ? 2328 PRO A O   1 
ATOM   632 C CB  . PRO A 1 96 ? 0.614   19.179  -5.597  1.00 60.20 ? 2328 PRO A CB  1 
ATOM   633 C CG  . PRO A 1 96 ? 0.542   18.940  -7.105  1.00 60.07 ? 2328 PRO A CG  1 
ATOM   634 C CD  . PRO A 1 96 ? -0.874  18.582  -7.445  1.00 58.42 ? 2328 PRO A CD  1 
ATOM   635 N N   . LEU B 2 19 ? -1.306  3.212   -17.532 1.00 64.78 ? 753  LEU T N   1 
ATOM   636 C CA  . LEU B 2 19 ? -1.541  2.248   -16.403 1.00 64.01 ? 753  LEU T CA  1 
ATOM   637 C C   . LEU B 2 19 ? -0.259  1.796   -15.668 1.00 62.44 ? 753  LEU T C   1 
ATOM   638 O O   . LEU B 2 19 ? 0.146   0.642   -15.791 1.00 63.04 ? 753  LEU T O   1 
ATOM   639 C CB  . LEU B 2 19 ? -2.388  1.041   -16.904 1.00 64.80 ? 753  LEU T CB  1 
ATOM   640 C CG  . LEU B 2 19 ? -2.512  0.653   -18.406 1.00 66.73 ? 753  LEU T CG  1 
ATOM   641 C CD1 . LEU B 2 19 ? -3.258  -0.679  -18.610 1.00 67.02 ? 753  LEU T CD1 1 
ATOM   642 C CD2 . LEU B 2 19 ? -3.153  1.725   -19.300 1.00 68.72 ? 753  LEU T CD2 1 
ATOM   643 N N   . PHE B 2 20 ? 0.360   2.689   -14.885 1.00 60.44 ? 754  PHE T N   1 
ATOM   644 C CA  . PHE B 2 20 ? 1.630   2.363   -14.162 1.00 58.31 ? 754  PHE T CA  1 
ATOM   645 C C   . PHE B 2 20 ? 1.483   1.504   -12.898 1.00 56.68 ? 754  PHE T C   1 
ATOM   646 O O   . PHE B 2 20 ? 0.569   1.742   -12.097 1.00 56.26 ? 754  PHE T O   1 
ATOM   647 C CB  . PHE B 2 20 ? 2.374   3.638   -13.758 1.00 58.39 ? 754  PHE T CB  1 
ATOM   648 C CG  . PHE B 2 20 ? 2.784   4.518   -14.910 1.00 60.15 ? 754  PHE T CG  1 
ATOM   649 C CD1 . PHE B 2 20 ? 1.877   5.390   -15.505 1.00 61.84 ? 754  PHE T CD1 1 
ATOM   650 C CD2 . PHE B 2 20 ? 4.105   4.514   -15.368 1.00 62.67 ? 754  PHE T CD2 1 
ATOM   651 C CE1 . PHE B 2 20 ? 2.272   6.223   -16.557 1.00 63.46 ? 754  PHE T CE1 1 
ATOM   652 C CE2 . PHE B 2 20 ? 4.513   5.356   -16.411 1.00 62.53 ? 754  PHE T CE2 1 
ATOM   653 C CZ  . PHE B 2 20 ? 3.594   6.204   -17.011 1.00 61.44 ? 754  PHE T CZ  1 
ATOM   654 N N   . LYS B 2 21 ? 2.382   0.532   -12.713 1.00 54.36 ? 755  LYS T N   1 
ATOM   655 C CA  . LYS B 2 21 ? 2.487   -0.239  -11.461 1.00 53.26 ? 755  LYS T CA  1 
ATOM   656 C C   . LYS B 2 21 ? 3.870   -0.050  -10.811 1.00 51.29 ? 755  LYS T C   1 
ATOM   657 O O   . LYS B 2 21 ? 4.914   -0.135  -11.484 1.00 51.12 ? 755  LYS T O   1 
ATOM   658 C CB  . LYS B 2 21 ? 2.212   -1.750  -11.636 1.00 53.17 ? 755  LYS T CB  1 
ATOM   659 C CG  . LYS B 2 21 ? 1.000   -2.141  -12.498 1.00 55.22 ? 755  LYS T CG  1 
ATOM   660 C CD  . LYS B 2 21 ? 0.925   -3.683  -12.685 1.00 56.16 ? 755  LYS T CD  1 
ATOM   661 C CE  . LYS B 2 21 ? 0.328   -4.129  -14.045 1.00 60.97 ? 755  LYS T CE  1 
ATOM   662 N NZ  . LYS B 2 21 ? -1.155  -4.439  -14.034 1.00 62.05 ? 755  LYS T NZ  1 
ATOM   663 N N   . SER B 2 22 ? 3.868   0.238   -9.515  1.00 48.32 ? 756  SER T N   1 
ATOM   664 C CA  . SER B 2 22 ? 5.068   0.256   -8.731  1.00 46.95 ? 756  SER T CA  1 
ATOM   665 C C   . SER B 2 22 ? 4.804   -0.681  -7.559  1.00 46.03 ? 756  SER T C   1 
ATOM   666 O O   . SER B 2 22 ? 3.673   -0.815  -7.101  1.00 44.53 ? 756  SER T O   1 
ATOM   667 C CB  . SER B 2 22 ? 5.421   1.658   -8.197  1.00 47.09 ? 756  SER T CB  1 
ATOM   668 O OG  . SER B 2 22 ? 5.277   2.692   -9.149  1.00 48.72 ? 756  SER T OG  1 
ATOM   669 N N   . ALA B 2 23 ? 5.864   -1.302  -7.070  1.00 45.07 ? 757  ALA T N   1 
ATOM   670 C CA  . ALA B 2 23 ? 5.763   -2.314  -6.071  1.00 45.18 ? 757  ALA T CA  1 
ATOM   671 C C   . ALA B 2 23 ? 7.005   -2.283  -5.230  1.00 45.59 ? 757  ALA T C   1 
ATOM   672 O O   . ALA B 2 23 ? 8.116   -2.038  -5.736  1.00 45.90 ? 757  ALA T O   1 
ATOM   673 C CB  . ALA B 2 23 ? 5.587   -3.691  -6.717  1.00 44.90 ? 757  ALA T CB  1 
ATOM   674 N N   . THR B 2 24 ? 6.832   -2.498  -3.939  1.00 44.82 ? 758  THR T N   1 
ATOM   675 C CA  . THR B 2 24 ? 7.975   -2.831  -3.113  1.00 44.80 ? 758  THR T CA  1 
ATOM   676 C C   . THR B 2 24 ? 7.595   -3.985  -2.227  1.00 45.36 ? 758  THR T C   1 
ATOM   677 O O   . THR B 2 24 ? 6.417   -4.206  -1.928  1.00 45.83 ? 758  THR T O   1 
ATOM   678 C CB  . THR B 2 24 ? 8.459   -1.711  -2.230  1.00 44.91 ? 758  THR T CB  1 
ATOM   679 O OG1 . THR B 2 24 ? 9.610   -2.172  -1.489  1.00 44.02 ? 758  THR T OG1 1 
ATOM   680 C CG2 . THR B 2 24 ? 7.390   -1.310  -1.255  1.00 43.07 ? 758  THR T CG2 1 
ATOM   681 N N   . THR B 2 25 ? 8.613   -4.648  -1.726  1.00 45.02 ? 759  THR T N   1 
ATOM   682 C CA  . THR B 2 25 ? 8.471   -5.985  -1.216  1.00 45.84 ? 759  THR T CA  1 
ATOM   683 C C   . THR B 2 25 ? 9.337   -6.159  0.020   1.00 45.08 ? 759  THR T C   1 
ATOM   684 O O   . THR B 2 25 ? 10.417  -5.578  0.119   1.00 44.97 ? 759  THR T O   1 
ATOM   685 C CB  . THR B 2 25 ? 8.898   -6.920  -2.371  1.00 46.00 ? 759  THR T CB  1 
ATOM   686 O OG1 . THR B 2 25 ? 7.729   -7.447  -3.026  1.00 47.78 ? 759  THR T OG1 1 
ATOM   687 C CG2 . THR B 2 25 ? 9.804   -7.961  -1.900  1.00 46.90 ? 759  THR T CG2 1 
ATOM   688 N N   . THR B 2 26 ? 8.883   -6.963  0.968   1.00 45.25 ? 760  THR T N   1 
ATOM   689 C CA  . THR B 2 26 ? 9.727   -7.338  2.113   1.00 45.31 ? 760  THR T CA  1 
ATOM   690 C C   . THR B 2 26 ? 9.349   -8.771  2.497   1.00 46.44 ? 760  THR T C   1 
ATOM   691 O O   . THR B 2 26 ? 8.324   -9.305  2.023   1.00 46.23 ? 760  THR T O   1 
ATOM   692 C CB  . THR B 2 26 ? 9.530   -6.375  3.330   1.00 45.73 ? 760  THR T CB  1 
ATOM   693 O OG1 . THR B 2 26 ? 10.583  -6.543  4.297   1.00 46.21 ? 760  THR T OG1 1 
ATOM   694 C CG2 . THR B 2 26 ? 8.181   -6.624  4.018   1.00 43.60 ? 760  THR T CG2 1 
ATOM   695 N N   . VAL B 2 27 ? 10.185  -9.400  3.314   1.00 46.87 ? 761  VAL T N   1 
ATOM   696 C CA  . VAL B 2 27 ? 9.881   -10.716 3.871   1.00 49.11 ? 761  VAL T CA  1 
ATOM   697 C C   . VAL B 2 27 ? 9.478   -10.543 5.350   1.00 51.33 ? 761  VAL T C   1 
ATOM   698 O O   . VAL B 2 27 ? 10.185  -9.891  6.108   1.00 49.94 ? 761  VAL T O   1 
ATOM   699 C CB  . VAL B 2 27 ? 11.044  -11.761 3.639   1.00 48.35 ? 761  VAL T CB  1 
ATOM   700 C CG1 . VAL B 2 27 ? 10.667  -13.124 4.143   1.00 47.88 ? 761  VAL T CG1 1 
ATOM   701 C CG2 . VAL B 2 27 ? 11.357  -11.907 2.140   1.00 47.25 ? 761  VAL T CG2 1 
ATOM   702 N N   . MET B 2 28 ? 8.302   -11.066 5.707   1.00 54.27 ? 762  MET T N   1 
ATOM   703 C CA  . MET B 2 28 ? 7.806   -11.081 7.098   1.00 58.28 ? 762  MET T CA  1 
ATOM   704 C C   . MET B 2 28 ? 8.244   -12.390 7.737   1.00 59.71 ? 762  MET T C   1 
ATOM   705 O O   . MET B 2 28 ? 7.922   -13.458 7.235   1.00 59.83 ? 762  MET T O   1 
ATOM   706 C CB  . MET B 2 28 ? 6.266   -11.048 7.148   1.00 57.84 ? 762  MET T CB  1 
ATOM   707 C CG  . MET B 2 28 ? 5.579   -9.712  7.027   1.00 57.98 ? 762  MET T CG  1 
ATOM   708 S SD  . MET B 2 28 ? 3.754   -9.901  6.986   1.00 61.86 ? 762  MET T SD  1 
ATOM   709 C CE  . MET B 2 28 ? 3.418   -10.426 8.673   1.00 66.21 ? 762  MET T CE  1 
ATOM   710 N N   . ASN B 2 29 ? 8.969   -12.326 8.853   1.00 62.46 ? 763  ASN T N   1 
ATOM   711 C CA  . ASN B 2 29 ? 9.283   -13.541 9.592   1.00 63.60 ? 763  ASN T CA  1 
ATOM   712 C C   . ASN B 2 29 ? 8.346   -13.786 10.766  1.00 64.43 ? 763  ASN T C   1 
ATOM   713 O O   . ASN B 2 29 ? 8.097   -14.941 11.125  1.00 65.49 ? 763  ASN T O   1 
ATOM   714 C CB  . ASN B 2 29 ? 10.727  -13.530 10.051  1.00 64.42 ? 763  ASN T CB  1 
ATOM   715 C CG  . ASN B 2 29 ? 11.633  -14.139 9.045   1.00 64.82 ? 763  ASN T CG  1 
ATOM   716 O OD1 . ASN B 2 29 ? 11.599  -15.361 8.828   1.00 66.44 ? 763  ASN T OD1 1 
ATOM   717 N ND2 . ASN B 2 29 ? 12.463  -13.308 8.413   1.00 64.66 ? 763  ASN T ND2 1 
HETATM 718 C C1  . GOL C 3 .  ? -8.084  0.096   5.845   1.00 54.77 ? 3329 GOL A C1  1 
HETATM 719 O O1  . GOL C 3 .  ? -8.939  -0.990  6.215   1.00 56.04 ? 3329 GOL A O1  1 
HETATM 720 C C2  . GOL C 3 .  ? -8.680  1.498   5.990   1.00 51.84 ? 3329 GOL A C2  1 
HETATM 721 O O2  . GOL C 3 .  ? -7.856  2.482   6.695   1.00 41.03 ? 3329 GOL A O2  1 
HETATM 722 C C3  . GOL C 3 .  ? -9.242  1.889   4.619   1.00 47.37 ? 3329 GOL A C3  1 
HETATM 723 O O3  . GOL C 3 .  ? -9.206  3.289   4.562   1.00 49.43 ? 3329 GOL A O3  1 
HETATM 724 O O   . HOH D 4 .  ? -6.205  -10.352 12.289  1.00 52.58 ? 2001 HOH A O   1 
HETATM 725 O O   . HOH D 4 .  ? -12.816 -8.476  7.852   1.00 54.37 ? 2002 HOH A O   1 
HETATM 726 O O   . HOH D 4 .  ? -8.262  -1.321  9.101   1.00 31.45 ? 2003 HOH A O   1 
HETATM 727 O O   . HOH D 4 .  ? -10.065 3.185   0.391   1.00 33.85 ? 2004 HOH A O   1 
HETATM 728 O O   . HOH D 4 .  ? -2.756  10.904  3.110   1.00 42.99 ? 2005 HOH A O   1 
HETATM 729 O O   . HOH D 4 .  ? -8.185  11.156  5.912   1.00 50.36 ? 2006 HOH A O   1 
HETATM 730 O O   . HOH D 4 .  ? 1.388   11.134  -2.788  1.00 35.14 ? 2007 HOH A O   1 
HETATM 731 O O   . HOH D 4 .  ? -1.301  9.980   4.843   1.00 27.74 ? 2008 HOH A O   1 
HETATM 732 O O   . HOH D 4 .  ? 2.260   3.484   -10.017 1.00 39.85 ? 2009 HOH A O   1 
HETATM 733 O O   . HOH D 4 .  ? 6.893   9.438   -7.364  1.00 44.78 ? 2010 HOH A O   1 
HETATM 734 O O   . HOH D 4 .  ? -12.581 10.473  -10.132 1.00 44.38 ? 2011 HOH A O   1 
HETATM 735 O O   . HOH D 4 .  ? -7.438  5.119   -12.860 1.00 60.11 ? 2012 HOH A O   1 
HETATM 736 O O   . HOH D 4 .  ? -4.286  -3.026  -8.094  1.00 50.94 ? 2013 HOH A O   1 
HETATM 737 O O   . HOH D 4 .  ? -5.070  -5.407  -7.669  1.00 48.15 ? 2014 HOH A O   1 
HETATM 738 O O   . HOH D 4 .  ? -7.442  -12.171 2.555   1.00 42.32 ? 2015 HOH A O   1 
HETATM 739 O O   . HOH D 4 .  ? -6.927  -4.863  5.998   1.00 27.15 ? 2016 HOH A O   1 
HETATM 740 O O   . HOH D 4 .  ? -8.022  13.087  -2.612  1.00 46.63 ? 2017 HOH A O   1 
HETATM 741 O O   . HOH D 4 .  ? -2.398  21.583  -2.716  1.00 64.09 ? 2018 HOH A O   1 
HETATM 742 O O   . HOH E 4 .  ? 11.402  -4.242  -3.787  1.00 49.26 ? 2001 HOH T O   1 
# 
loop_
_pdbx_poly_seq_scheme.asym_id 
_pdbx_poly_seq_scheme.entity_id 
_pdbx_poly_seq_scheme.seq_id 
_pdbx_poly_seq_scheme.mon_id 
_pdbx_poly_seq_scheme.ndb_seq_num 
_pdbx_poly_seq_scheme.pdb_seq_num 
_pdbx_poly_seq_scheme.auth_seq_num 
_pdbx_poly_seq_scheme.pdb_mon_id 
_pdbx_poly_seq_scheme.auth_mon_id 
_pdbx_poly_seq_scheme.pdb_strand_id 
_pdbx_poly_seq_scheme.pdb_ins_code 
_pdbx_poly_seq_scheme.hetero 
A 1 1  GLY 1  2233 ?    ?   ?   A . n 
A 1 2  ALA 2  2234 ?    ?   ?   A . n 
A 1 3  MET 3  2235 ?    ?   ?   A . n 
A 1 4  GLY 4  2236 ?    ?   ?   A . n 
A 1 5  GLY 5  2237 2237 GLY GLY A . n 
A 1 6  ALA 6  2238 2238 ALA ALA A . n 
A 1 7  HIS 7  2239 2239 HIS HIS A . n 
A 1 8  LYS 8  2240 2240 LYS LYS A . n 
A 1 9  VAL 9  2241 2241 VAL VAL A . n 
A 1 10 ARG 10 2242 2242 ARG ARG A . n 
A 1 11 ALA 11 2243 2243 ALA ALA A . n 
A 1 12 GLY 12 2244 2244 GLY GLY A . n 
A 1 13 GLY 13 2245 2245 GLY GLY A . n 
A 1 14 PRO 14 2246 2246 PRO PRO A . n 
A 1 15 GLY 15 2247 2247 GLY GLY A . n 
A 1 16 LEU 16 2248 2248 LEU LEU A . n 
A 1 17 GLU 17 2249 2249 GLU GLU A . n 
A 1 18 ARG 18 2250 2250 ARG ARG A . n 
A 1 19 ALA 19 2251 2251 ALA ALA A . n 
A 1 20 GLU 20 2252 2252 GLU GLU A . n 
A 1 21 ALA 21 2253 2253 ALA ALA A . n 
A 1 22 GLY 22 2254 2254 GLY GLY A . n 
A 1 23 VAL 23 2255 2255 VAL VAL A . n 
A 1 24 PRO 24 2256 2256 PRO PRO A . n 
A 1 25 ALA 25 2257 2257 ALA ALA A . n 
A 1 26 GLU 26 2258 2258 GLU GLU A . n 
A 1 27 PHE 27 2259 2259 PHE PHE A . n 
A 1 28 SER 28 2260 2260 SER SER A . n 
A 1 29 ILE 29 2261 2261 ILE ILE A . n 
A 1 30 TRP 30 2262 2262 TRP TRP A . n 
A 1 31 THR 31 2263 2263 THR THR A . n 
A 1 32 ARG 32 2264 2264 ARG ARG A . n 
A 1 33 GLU 33 2265 2265 GLU GLU A . n 
A 1 34 ALA 34 2266 2266 ALA ALA A . n 
A 1 35 GLY 35 2267 2267 GLY GLY A . n 
A 1 36 ALA 36 2268 2268 ALA ALA A . n 
A 1 37 GLY 37 2269 2269 GLY GLY A . n 
A 1 38 GLY 38 2270 2270 GLY GLY A . n 
A 1 39 LEU 39 2271 2271 LEU LEU A . n 
A 1 40 ALA 40 2272 2272 ALA ALA A . n 
A 1 41 ILE 41 2273 2273 ILE ILE A . n 
A 1 42 ALA 42 2274 2274 ALA ALA A . n 
A 1 43 VAL 43 2275 2275 VAL VAL A . n 
A 1 44 GLU 44 2276 2276 GLU GLU A . n 
A 1 45 GLY 45 2277 2277 GLY GLY A . n 
A 1 46 PRO 46 2278 2278 PRO PRO A . n 
A 1 47 SER 47 2279 2279 SER SER A . n 
A 1 48 LYS 48 2280 2280 LYS LYS A . n 
A 1 49 ALA 49 2281 2281 ALA ALA A . n 
A 1 50 GLU 50 2282 2282 GLU GLU A . n 
A 1 51 ILE 51 2283 2283 ILE ILE A . n 
A 1 52 SER 52 2284 2284 SER SER A . n 
A 1 53 PHE 53 2285 2285 PHE PHE A . n 
A 1 54 GLU 54 2286 2286 GLU GLU A . n 
A 1 55 ASP 55 2287 ?    ?   ?   A . n 
A 1 56 ARG 56 2288 ?    ?   ?   A . n 
A 1 57 LYS 57 2289 ?    ?   ?   A . n 
A 1 58 ASP 58 2290 ?    ?   ?   A . n 
A 1 59 GLY 59 2291 ?    ?   ?   A . n 
A 1 60 SER 60 2292 2292 SER SER A . n 
A 1 61 CYS 61 2293 2293 CYS CYS A . n 
A 1 62 GLY 62 2294 2294 GLY GLY A . n 
A 1 63 VAL 63 2295 2295 VAL VAL A . n 
A 1 64 ALA 64 2296 2296 ALA ALA A . n 
A 1 65 TYR 65 2297 2297 TYR TYR A . n 
A 1 66 VAL 66 2298 2298 VAL VAL A . n 
A 1 67 VAL 67 2299 2299 VAL VAL A . n 
A 1 68 GLN 68 2300 2300 GLN GLN A . n 
A 1 69 GLU 69 2301 2301 GLU GLU A . n 
A 1 70 PRO 70 2302 2302 PRO PRO A . n 
A 1 71 GLY 71 2303 2303 GLY GLY A . n 
A 1 72 ASP 72 2304 2304 ASP ASP A . n 
A 1 73 TYR 73 2305 2305 TYR TYR A . n 
A 1 74 GLU 74 2306 2306 GLU GLU A . n 
A 1 75 VAL 75 2307 2307 VAL VAL A . n 
A 1 76 SER 76 2308 2308 SER SER A . n 
A 1 77 VAL 77 2309 2309 VAL VAL A . n 
A 1 78 LYS 78 2310 2310 LYS LYS A . n 
A 1 79 PHE 79 2311 2311 PHE PHE A . n 
A 1 80 ASN 80 2312 2312 ASN ASN A . n 
A 1 81 GLU 81 2313 2313 GLU GLU A . n 
A 1 82 GLU 82 2314 2314 GLU GLU A . n 
A 1 83 HIS 83 2315 2315 HIS HIS A . n 
A 1 84 ILE 84 2316 2316 ILE ILE A . n 
A 1 85 PRO 85 2317 2317 PRO PRO A . n 
A 1 86 ASP 86 2318 2318 ASP ASP A . n 
A 1 87 SER 87 2319 2319 SER SER A . n 
A 1 88 PRO 88 2320 2320 PRO PRO A . n 
A 1 89 PHE 89 2321 2321 PHE PHE A . n 
A 1 90 VAL 90 2322 2322 VAL VAL A . n 
A 1 91 VAL 91 2323 2323 VAL VAL A . n 
A 1 92 PRO 92 2324 2324 PRO PRO A . n 
A 1 93 VAL 93 2325 2325 VAL VAL A . n 
A 1 94 ALA 94 2326 2326 ALA ALA A . n 
A 1 95 SER 95 2327 2327 SER SER A . n 
A 1 96 PRO 96 2328 2328 PRO PRO A . n 
A 1 97 SER 97 2329 ?    ?   ?   A . n 
B 2 1  TYR 1  735  ?    ?   ?   T . n 
B 2 2  ARG 2  736  ?    ?   ?   T . n 
B 2 3  ARG 3  737  ?    ?   ?   T . n 
B 2 4  PHE 4  738  ?    ?   ?   T . n 
B 2 5  GLU 5  739  ?    ?   ?   T . n 
B 2 6  LYS 6  740  ?    ?   ?   T . n 
B 2 7  GLU 7  741  ?    ?   ?   T . n 
B 2 8  LYS 8  742  ?    ?   ?   T . n 
B 2 9  LEU 9  743  ?    ?   ?   T . n 
B 2 10 LYS 10 744  ?    ?   ?   T . n 
B 2 11 SER 11 745  ?    ?   ?   T . n 
B 2 12 GLN 12 746  ?    ?   ?   T . n 
B 2 13 TRP 13 747  ?    ?   ?   T . n 
B 2 14 ASN 14 748  ?    ?   ?   T . n 
B 2 15 ASN 15 749  ?    ?   ?   T . n 
B 2 16 ASP 16 750  ?    ?   ?   T . n 
B 2 17 ASN 17 751  ?    ?   ?   T . n 
B 2 18 PRO 18 752  ?    ?   ?   T . n 
B 2 19 LEU 19 753  753  LEU LEU T . n 
B 2 20 PHE 20 754  754  PHE PHE T . n 
B 2 21 LYS 21 755  755  LYS LYS T . n 
B 2 22 SER 22 756  756  SER SER T . n 
B 2 23 ALA 23 757  757  ALA ALA T . n 
B 2 24 THR 24 758  758  THR THR T . n 
B 2 25 THR 25 759  759  THR THR T . n 
B 2 26 THR 26 760  760  THR THR T . n 
B 2 27 VAL 27 761  761  VAL VAL T . n 
B 2 28 MET 28 762  762  MET MET T . n 
B 2 29 ASN 29 763  763  ASN ASN T . n 
B 2 30 PRO 30 764  ?    ?   ?   T . n 
B 2 31 LYS 31 765  ?    ?   ?   T . n 
B 2 32 PHE 32 766  ?    ?   ?   T . n 
B 2 33 ALA 33 767  ?    ?   ?   T . n 
B 2 34 GLU 34 768  ?    ?   ?   T . n 
B 2 35 SER 35 769  ?    ?   ?   T . n 
# 
loop_
_pdbx_nonpoly_scheme.asym_id 
_pdbx_nonpoly_scheme.entity_id 
_pdbx_nonpoly_scheme.mon_id 
_pdbx_nonpoly_scheme.ndb_seq_num 
_pdbx_nonpoly_scheme.pdb_seq_num 
_pdbx_nonpoly_scheme.auth_seq_num 
_pdbx_nonpoly_scheme.pdb_mon_id 
_pdbx_nonpoly_scheme.auth_mon_id 
_pdbx_nonpoly_scheme.pdb_strand_id 
_pdbx_nonpoly_scheme.pdb_ins_code 
C 3 GOL 1  3329 3329 GOL GOL A . 
D 4 HOH 1  2001 2001 HOH HOH A . 
D 4 HOH 2  2002 2002 HOH HOH A . 
D 4 HOH 3  2003 2003 HOH HOH A . 
D 4 HOH 4  2004 2004 HOH HOH A . 
D 4 HOH 5  2005 2005 HOH HOH A . 
D 4 HOH 6  2006 2006 HOH HOH A . 
D 4 HOH 7  2007 2007 HOH HOH A . 
D 4 HOH 8  2008 2008 HOH HOH A . 
D 4 HOH 9  2009 2009 HOH HOH A . 
D 4 HOH 10 2010 2010 HOH HOH A . 
D 4 HOH 11 2011 2011 HOH HOH A . 
D 4 HOH 12 2012 2012 HOH HOH A . 
D 4 HOH 13 2013 2013 HOH HOH A . 
D 4 HOH 14 2014 2014 HOH HOH A . 
D 4 HOH 15 2015 2015 HOH HOH A . 
D 4 HOH 16 2016 2016 HOH HOH A . 
D 4 HOH 17 2017 2017 HOH HOH A . 
D 4 HOH 18 2018 2018 HOH HOH A . 
E 4 HOH 1  2001 2001 HOH HOH T . 
# 
_pdbx_struct_assembly.id                   1 
_pdbx_struct_assembly.details              author_and_software_defined_assembly 
_pdbx_struct_assembly.method_details       PQS 
_pdbx_struct_assembly.oligomeric_details   hexameric 
_pdbx_struct_assembly.oligomeric_count     6 
# 
_pdbx_struct_assembly_gen.assembly_id       1 
_pdbx_struct_assembly_gen.oper_expression   1,2,3 
_pdbx_struct_assembly_gen.asym_id_list      A,B,C,D,E 
# 
loop_
_pdbx_struct_assembly_prop.biol_id 
_pdbx_struct_assembly_prop.type 
_pdbx_struct_assembly_prop.value 
_pdbx_struct_assembly_prop.details 
1 'ABSA (A^2)' 6930  ? 
1 MORE         -49.0 ? 
1 'SSA (A^2)'  17120 ? 
# 
loop_
_pdbx_struct_oper_list.id 
_pdbx_struct_oper_list.type 
_pdbx_struct_oper_list.name 
_pdbx_struct_oper_list.symmetry_operation 
_pdbx_struct_oper_list.matrix[1][1] 
_pdbx_struct_oper_list.matrix[1][2] 
_pdbx_struct_oper_list.matrix[1][3] 
_pdbx_struct_oper_list.vector[1] 
_pdbx_struct_oper_list.matrix[2][1] 
_pdbx_struct_oper_list.matrix[2][2] 
_pdbx_struct_oper_list.matrix[2][3] 
_pdbx_struct_oper_list.vector[2] 
_pdbx_struct_oper_list.matrix[3][1] 
_pdbx_struct_oper_list.matrix[3][2] 
_pdbx_struct_oper_list.matrix[3][3] 
_pdbx_struct_oper_list.vector[3] 
1 'identity operation'         1_555 x,y,z 1.0000000000  0.0000000000  0.0000000000 0.0000000000  0.0000000000  1.0000000000  0.0000000000 0.0000000000   0.0000000000 0.0000000000 1.0000000000 0.0000000000  
2 'crystal symmetry operation' 5_555 z,x,y -0.4288651066 0.8835260657  0.1882987293 23.1407631334 -0.7877951023 -0.4677921168 0.4006861767 9.6017296458   0.4421013425 0.0234995032 0.8966572234 -6.6805421714 
3 'crystal symmetry operation' 9_555 y,z,x -0.4288651066 -0.7877951023 0.4421013425 20.4419381005 0.8835260657  -0.4677921168 0.0234995032 -15.7968645518 0.1882987293 0.4006861767 0.8966572234 -2.2145002415 
# 
loop_
_pdbx_audit_revision_history.ordinal 
_pdbx_audit_revision_history.data_content_type 
_pdbx_audit_revision_history.major_revision 
_pdbx_audit_revision_history.minor_revision 
_pdbx_audit_revision_history.revision_date 
1 'Structure model' 1 0 2008-02-05 
2 'Structure model' 1 1 2011-05-08 
3 'Structure model' 1 2 2011-07-13 
4 'Structure model' 1 3 2023-12-13 
# 
_pdbx_audit_revision_details.ordinal             1 
_pdbx_audit_revision_details.revision_ordinal    1 
_pdbx_audit_revision_details.data_content_type   'Structure model' 
_pdbx_audit_revision_details.provider            repository 
_pdbx_audit_revision_details.type                'Initial release' 
_pdbx_audit_revision_details.description         ? 
_pdbx_audit_revision_details.details             ? 
# 
loop_
_pdbx_audit_revision_group.ordinal 
_pdbx_audit_revision_group.revision_ordinal 
_pdbx_audit_revision_group.data_content_type 
_pdbx_audit_revision_group.group 
1 2 'Structure model' 'Version format compliance' 
2 3 'Structure model' 'Version format compliance' 
3 4 'Structure model' 'Data collection'           
4 4 'Structure model' 'Database references'       
5 4 'Structure model' 'Refinement description'    
# 
loop_
_pdbx_audit_revision_category.ordinal 
_pdbx_audit_revision_category.revision_ordinal 
_pdbx_audit_revision_category.data_content_type 
_pdbx_audit_revision_category.category 
1 4 'Structure model' chem_comp_atom                
2 4 'Structure model' chem_comp_bond                
3 4 'Structure model' database_2                    
4 4 'Structure model' pdbx_initial_refinement_model 
# 
loop_
_pdbx_audit_revision_item.ordinal 
_pdbx_audit_revision_item.revision_ordinal 
_pdbx_audit_revision_item.data_content_type 
_pdbx_audit_revision_item.item 
1 4 'Structure model' '_database_2.pdbx_DOI'                
2 4 'Structure model' '_database_2.pdbx_database_accession' 
# 
loop_
_software.name 
_software.classification 
_software.version 
_software.citation_id 
_software.pdbx_ordinal 
REFMAC refinement       5.2.0019 ? 1 
XDS    'data reduction' .        ? 2 
XDS    'data scaling'   .        ? 3 
PHASER phasing          .        ? 4 
# 
_pdbx_database_remark.id     700 
_pdbx_database_remark.text   
;
SHEET
THE SHEET STRUCTURE OF THIS MOLECULE IS BIFURCATED. IN
ORDER TO REPRESENT THIS FEATURE IN THE SHEET RECORDS BELOW,
TWO SHEETS ARE DEFINED.
;
# 
_pdbx_validate_rmsd_angle.id                         1 
_pdbx_validate_rmsd_angle.PDB_model_num              1 
_pdbx_validate_rmsd_angle.auth_atom_id_1             NE 
_pdbx_validate_rmsd_angle.auth_asym_id_1             A 
_pdbx_validate_rmsd_angle.auth_comp_id_1             ARG 
_pdbx_validate_rmsd_angle.auth_seq_id_1              2242 
_pdbx_validate_rmsd_angle.PDB_ins_code_1             ? 
_pdbx_validate_rmsd_angle.label_alt_id_1             ? 
_pdbx_validate_rmsd_angle.auth_atom_id_2             CZ 
_pdbx_validate_rmsd_angle.auth_asym_id_2             A 
_pdbx_validate_rmsd_angle.auth_comp_id_2             ARG 
_pdbx_validate_rmsd_angle.auth_seq_id_2              2242 
_pdbx_validate_rmsd_angle.PDB_ins_code_2             ? 
_pdbx_validate_rmsd_angle.label_alt_id_2             ? 
_pdbx_validate_rmsd_angle.auth_atom_id_3             NH2 
_pdbx_validate_rmsd_angle.auth_asym_id_3             A 
_pdbx_validate_rmsd_angle.auth_comp_id_3             ARG 
_pdbx_validate_rmsd_angle.auth_seq_id_3              2242 
_pdbx_validate_rmsd_angle.PDB_ins_code_3             ? 
_pdbx_validate_rmsd_angle.label_alt_id_3             ? 
_pdbx_validate_rmsd_angle.angle_value                117.06 
_pdbx_validate_rmsd_angle.angle_target_value         120.30 
_pdbx_validate_rmsd_angle.angle_deviation            -3.24 
_pdbx_validate_rmsd_angle.angle_standard_deviation   0.50 
_pdbx_validate_rmsd_angle.linker_flag                N 
# 
_pdbx_validate_torsion.id              1 
_pdbx_validate_torsion.PDB_model_num   1 
_pdbx_validate_torsion.auth_comp_id    ASP 
_pdbx_validate_torsion.auth_asym_id    A 
_pdbx_validate_torsion.auth_seq_id     2318 
_pdbx_validate_torsion.PDB_ins_code    ? 
_pdbx_validate_torsion.label_alt_id    ? 
_pdbx_validate_torsion.phi             81.20 
_pdbx_validate_torsion.psi             -10.67 
# 
loop_
_pdbx_unobs_or_zero_occ_residues.id 
_pdbx_unobs_or_zero_occ_residues.PDB_model_num 
_pdbx_unobs_or_zero_occ_residues.polymer_flag 
_pdbx_unobs_or_zero_occ_residues.occupancy_flag 
_pdbx_unobs_or_zero_occ_residues.auth_asym_id 
_pdbx_unobs_or_zero_occ_residues.auth_comp_id 
_pdbx_unobs_or_zero_occ_residues.auth_seq_id 
_pdbx_unobs_or_zero_occ_residues.PDB_ins_code 
_pdbx_unobs_or_zero_occ_residues.label_asym_id 
_pdbx_unobs_or_zero_occ_residues.label_comp_id 
_pdbx_unobs_or_zero_occ_residues.label_seq_id 
1  1 Y 1 A GLY 2233 ? A GLY 1  
2  1 Y 1 A ALA 2234 ? A ALA 2  
3  1 Y 1 A MET 2235 ? A MET 3  
4  1 Y 1 A GLY 2236 ? A GLY 4  
5  1 Y 1 A ASP 2287 ? A ASP 55 
6  1 Y 1 A ARG 2288 ? A ARG 56 
7  1 Y 1 A LYS 2289 ? A LYS 57 
8  1 Y 1 A ASP 2290 ? A ASP 58 
9  1 Y 1 A GLY 2291 ? A GLY 59 
10 1 Y 1 A SER 2329 ? A SER 97 
11 1 Y 1 T TYR 735  ? B TYR 1  
12 1 Y 1 T ARG 736  ? B ARG 2  
13 1 Y 1 T ARG 737  ? B ARG 3  
14 1 Y 1 T PHE 738  ? B PHE 4  
15 1 Y 1 T GLU 739  ? B GLU 5  
16 1 Y 1 T LYS 740  ? B LYS 6  
17 1 Y 1 T GLU 741  ? B GLU 7  
18 1 Y 1 T LYS 742  ? B LYS 8  
19 1 Y 1 T LEU 743  ? B LEU 9  
20 1 Y 1 T LYS 744  ? B LYS 10 
21 1 Y 1 T SER 745  ? B SER 11 
22 1 Y 1 T GLN 746  ? B GLN 12 
23 1 Y 1 T TRP 747  ? B TRP 13 
24 1 Y 1 T ASN 748  ? B ASN 14 
25 1 Y 1 T ASN 749  ? B ASN 15 
26 1 Y 1 T ASP 750  ? B ASP 16 
27 1 Y 1 T ASN 751  ? B ASN 17 
28 1 Y 1 T PRO 752  ? B PRO 18 
29 1 Y 1 T PRO 764  ? B PRO 30 
30 1 Y 1 T LYS 765  ? B LYS 31 
31 1 Y 1 T PHE 766  ? B PHE 32 
32 1 Y 1 T ALA 767  ? B ALA 33 
33 1 Y 1 T GLU 768  ? B GLU 34 
34 1 Y 1 T SER 769  ? B SER 35 
# 
loop_
_chem_comp_atom.comp_id 
_chem_comp_atom.atom_id 
_chem_comp_atom.type_symbol 
_chem_comp_atom.pdbx_aromatic_flag 
_chem_comp_atom.pdbx_stereo_config 
_chem_comp_atom.pdbx_ordinal 
ALA N    N N N 1   
ALA CA   C N S 2   
ALA C    C N N 3   
ALA O    O N N 4   
ALA CB   C N N 5   
ALA OXT  O N N 6   
ALA H    H N N 7   
ALA H2   H N N 8   
ALA HA   H N N 9   
ALA HB1  H N N 10  
ALA HB2  H N N 11  
ALA HB3  H N N 12  
ALA HXT  H N N 13  
ARG N    N N N 14  
ARG CA   C N S 15  
ARG C    C N N 16  
ARG O    O N N 17  
ARG CB   C N N 18  
ARG CG   C N N 19  
ARG CD   C N N 20  
ARG NE   N N N 21  
ARG CZ   C N N 22  
ARG NH1  N N N 23  
ARG NH2  N N N 24  
ARG OXT  O N N 25  
ARG H    H N N 26  
ARG H2   H N N 27  
ARG HA   H N N 28  
ARG HB2  H N N 29  
ARG HB3  H N N 30  
ARG HG2  H N N 31  
ARG HG3  H N N 32  
ARG HD2  H N N 33  
ARG HD3  H N N 34  
ARG HE   H N N 35  
ARG HH11 H N N 36  
ARG HH12 H N N 37  
ARG HH21 H N N 38  
ARG HH22 H N N 39  
ARG HXT  H N N 40  
ASN N    N N N 41  
ASN CA   C N S 42  
ASN C    C N N 43  
ASN O    O N N 44  
ASN CB   C N N 45  
ASN CG   C N N 46  
ASN OD1  O N N 47  
ASN ND2  N N N 48  
ASN OXT  O N N 49  
ASN H    H N N 50  
ASN H2   H N N 51  
ASN HA   H N N 52  
ASN HB2  H N N 53  
ASN HB3  H N N 54  
ASN HD21 H N N 55  
ASN HD22 H N N 56  
ASN HXT  H N N 57  
ASP N    N N N 58  
ASP CA   C N S 59  
ASP C    C N N 60  
ASP O    O N N 61  
ASP CB   C N N 62  
ASP CG   C N N 63  
ASP OD1  O N N 64  
ASP OD2  O N N 65  
ASP OXT  O N N 66  
ASP H    H N N 67  
ASP H2   H N N 68  
ASP HA   H N N 69  
ASP HB2  H N N 70  
ASP HB3  H N N 71  
ASP HD2  H N N 72  
ASP HXT  H N N 73  
CYS N    N N N 74  
CYS CA   C N R 75  
CYS C    C N N 76  
CYS O    O N N 77  
CYS CB   C N N 78  
CYS SG   S N N 79  
CYS OXT  O N N 80  
CYS H    H N N 81  
CYS H2   H N N 82  
CYS HA   H N N 83  
CYS HB2  H N N 84  
CYS HB3  H N N 85  
CYS HG   H N N 86  
CYS HXT  H N N 87  
GLN N    N N N 88  
GLN CA   C N S 89  
GLN C    C N N 90  
GLN O    O N N 91  
GLN CB   C N N 92  
GLN CG   C N N 93  
GLN CD   C N N 94  
GLN OE1  O N N 95  
GLN NE2  N N N 96  
GLN OXT  O N N 97  
GLN H    H N N 98  
GLN H2   H N N 99  
GLN HA   H N N 100 
GLN HB2  H N N 101 
GLN HB3  H N N 102 
GLN HG2  H N N 103 
GLN HG3  H N N 104 
GLN HE21 H N N 105 
GLN HE22 H N N 106 
GLN HXT  H N N 107 
GLU N    N N N 108 
GLU CA   C N S 109 
GLU C    C N N 110 
GLU O    O N N 111 
GLU CB   C N N 112 
GLU CG   C N N 113 
GLU CD   C N N 114 
GLU OE1  O N N 115 
GLU OE2  O N N 116 
GLU OXT  O N N 117 
GLU H    H N N 118 
GLU H2   H N N 119 
GLU HA   H N N 120 
GLU HB2  H N N 121 
GLU HB3  H N N 122 
GLU HG2  H N N 123 
GLU HG3  H N N 124 
GLU HE2  H N N 125 
GLU HXT  H N N 126 
GLY N    N N N 127 
GLY CA   C N N 128 
GLY C    C N N 129 
GLY O    O N N 130 
GLY OXT  O N N 131 
GLY H    H N N 132 
GLY H2   H N N 133 
GLY HA2  H N N 134 
GLY HA3  H N N 135 
GLY HXT  H N N 136 
GOL C1   C N N 137 
GOL O1   O N N 138 
GOL C2   C N N 139 
GOL O2   O N N 140 
GOL C3   C N N 141 
GOL O3   O N N 142 
GOL H11  H N N 143 
GOL H12  H N N 144 
GOL HO1  H N N 145 
GOL H2   H N N 146 
GOL HO2  H N N 147 
GOL H31  H N N 148 
GOL H32  H N N 149 
GOL HO3  H N N 150 
HIS N    N N N 151 
HIS CA   C N S 152 
HIS C    C N N 153 
HIS O    O N N 154 
HIS CB   C N N 155 
HIS CG   C Y N 156 
HIS ND1  N Y N 157 
HIS CD2  C Y N 158 
HIS CE1  C Y N 159 
HIS NE2  N Y N 160 
HIS OXT  O N N 161 
HIS H    H N N 162 
HIS H2   H N N 163 
HIS HA   H N N 164 
HIS HB2  H N N 165 
HIS HB3  H N N 166 
HIS HD1  H N N 167 
HIS HD2  H N N 168 
HIS HE1  H N N 169 
HIS HE2  H N N 170 
HIS HXT  H N N 171 
HOH O    O N N 172 
HOH H1   H N N 173 
HOH H2   H N N 174 
ILE N    N N N 175 
ILE CA   C N S 176 
ILE C    C N N 177 
ILE O    O N N 178 
ILE CB   C N S 179 
ILE CG1  C N N 180 
ILE CG2  C N N 181 
ILE CD1  C N N 182 
ILE OXT  O N N 183 
ILE H    H N N 184 
ILE H2   H N N 185 
ILE HA   H N N 186 
ILE HB   H N N 187 
ILE HG12 H N N 188 
ILE HG13 H N N 189 
ILE HG21 H N N 190 
ILE HG22 H N N 191 
ILE HG23 H N N 192 
ILE HD11 H N N 193 
ILE HD12 H N N 194 
ILE HD13 H N N 195 
ILE HXT  H N N 196 
LEU N    N N N 197 
LEU CA   C N S 198 
LEU C    C N N 199 
LEU O    O N N 200 
LEU CB   C N N 201 
LEU CG   C N N 202 
LEU CD1  C N N 203 
LEU CD2  C N N 204 
LEU OXT  O N N 205 
LEU H    H N N 206 
LEU H2   H N N 207 
LEU HA   H N N 208 
LEU HB2  H N N 209 
LEU HB3  H N N 210 
LEU HG   H N N 211 
LEU HD11 H N N 212 
LEU HD12 H N N 213 
LEU HD13 H N N 214 
LEU HD21 H N N 215 
LEU HD22 H N N 216 
LEU HD23 H N N 217 
LEU HXT  H N N 218 
LYS N    N N N 219 
LYS CA   C N S 220 
LYS C    C N N 221 
LYS O    O N N 222 
LYS CB   C N N 223 
LYS CG   C N N 224 
LYS CD   C N N 225 
LYS CE   C N N 226 
LYS NZ   N N N 227 
LYS OXT  O N N 228 
LYS H    H N N 229 
LYS H2   H N N 230 
LYS HA   H N N 231 
LYS HB2  H N N 232 
LYS HB3  H N N 233 
LYS HG2  H N N 234 
LYS HG3  H N N 235 
LYS HD2  H N N 236 
LYS HD3  H N N 237 
LYS HE2  H N N 238 
LYS HE3  H N N 239 
LYS HZ1  H N N 240 
LYS HZ2  H N N 241 
LYS HZ3  H N N 242 
LYS HXT  H N N 243 
MET N    N N N 244 
MET CA   C N S 245 
MET C    C N N 246 
MET O    O N N 247 
MET CB   C N N 248 
MET CG   C N N 249 
MET SD   S N N 250 
MET CE   C N N 251 
MET OXT  O N N 252 
MET H    H N N 253 
MET H2   H N N 254 
MET HA   H N N 255 
MET HB2  H N N 256 
MET HB3  H N N 257 
MET HG2  H N N 258 
MET HG3  H N N 259 
MET HE1  H N N 260 
MET HE2  H N N 261 
MET HE3  H N N 262 
MET HXT  H N N 263 
PHE N    N N N 264 
PHE CA   C N S 265 
PHE C    C N N 266 
PHE O    O N N 267 
PHE CB   C N N 268 
PHE CG   C Y N 269 
PHE CD1  C Y N 270 
PHE CD2  C Y N 271 
PHE CE1  C Y N 272 
PHE CE2  C Y N 273 
PHE CZ   C Y N 274 
PHE OXT  O N N 275 
PHE H    H N N 276 
PHE H2   H N N 277 
PHE HA   H N N 278 
PHE HB2  H N N 279 
PHE HB3  H N N 280 
PHE HD1  H N N 281 
PHE HD2  H N N 282 
PHE HE1  H N N 283 
PHE HE2  H N N 284 
PHE HZ   H N N 285 
PHE HXT  H N N 286 
PRO N    N N N 287 
PRO CA   C N S 288 
PRO C    C N N 289 
PRO O    O N N 290 
PRO CB   C N N 291 
PRO CG   C N N 292 
PRO CD   C N N 293 
PRO OXT  O N N 294 
PRO H    H N N 295 
PRO HA   H N N 296 
PRO HB2  H N N 297 
PRO HB3  H N N 298 
PRO HG2  H N N 299 
PRO HG3  H N N 300 
PRO HD2  H N N 301 
PRO HD3  H N N 302 
PRO HXT  H N N 303 
SER N    N N N 304 
SER CA   C N S 305 
SER C    C N N 306 
SER O    O N N 307 
SER CB   C N N 308 
SER OG   O N N 309 
SER OXT  O N N 310 
SER H    H N N 311 
SER H2   H N N 312 
SER HA   H N N 313 
SER HB2  H N N 314 
SER HB3  H N N 315 
SER HG   H N N 316 
SER HXT  H N N 317 
THR N    N N N 318 
THR CA   C N S 319 
THR C    C N N 320 
THR O    O N N 321 
THR CB   C N R 322 
THR OG1  O N N 323 
THR CG2  C N N 324 
THR OXT  O N N 325 
THR H    H N N 326 
THR H2   H N N 327 
THR HA   H N N 328 
THR HB   H N N 329 
THR HG1  H N N 330 
THR HG21 H N N 331 
THR HG22 H N N 332 
THR HG23 H N N 333 
THR HXT  H N N 334 
TRP N    N N N 335 
TRP CA   C N S 336 
TRP C    C N N 337 
TRP O    O N N 338 
TRP CB   C N N 339 
TRP CG   C Y N 340 
TRP CD1  C Y N 341 
TRP CD2  C Y N 342 
TRP NE1  N Y N 343 
TRP CE2  C Y N 344 
TRP CE3  C Y N 345 
TRP CZ2  C Y N 346 
TRP CZ3  C Y N 347 
TRP CH2  C Y N 348 
TRP OXT  O N N 349 
TRP H    H N N 350 
TRP H2   H N N 351 
TRP HA   H N N 352 
TRP HB2  H N N 353 
TRP HB3  H N N 354 
TRP HD1  H N N 355 
TRP HE1  H N N 356 
TRP HE3  H N N 357 
TRP HZ2  H N N 358 
TRP HZ3  H N N 359 
TRP HH2  H N N 360 
TRP HXT  H N N 361 
TYR N    N N N 362 
TYR CA   C N S 363 
TYR C    C N N 364 
TYR O    O N N 365 
TYR CB   C N N 366 
TYR CG   C Y N 367 
TYR CD1  C Y N 368 
TYR CD2  C Y N 369 
TYR CE1  C Y N 370 
TYR CE2  C Y N 371 
TYR CZ   C Y N 372 
TYR OH   O N N 373 
TYR OXT  O N N 374 
TYR H    H N N 375 
TYR H2   H N N 376 
TYR HA   H N N 377 
TYR HB2  H N N 378 
TYR HB3  H N N 379 
TYR HD1  H N N 380 
TYR HD2  H N N 381 
TYR HE1  H N N 382 
TYR HE2  H N N 383 
TYR HH   H N N 384 
TYR HXT  H N N 385 
VAL N    N N N 386 
VAL CA   C N S 387 
VAL C    C N N 388 
VAL O    O N N 389 
VAL CB   C N N 390 
VAL CG1  C N N 391 
VAL CG2  C N N 392 
VAL OXT  O N N 393 
VAL H    H N N 394 
VAL H2   H N N 395 
VAL HA   H N N 396 
VAL HB   H N N 397 
VAL HG11 H N N 398 
VAL HG12 H N N 399 
VAL HG13 H N N 400 
VAL HG21 H N N 401 
VAL HG22 H N N 402 
VAL HG23 H N N 403 
VAL HXT  H N N 404 
# 
loop_
_chem_comp_bond.comp_id 
_chem_comp_bond.atom_id_1 
_chem_comp_bond.atom_id_2 
_chem_comp_bond.value_order 
_chem_comp_bond.pdbx_aromatic_flag 
_chem_comp_bond.pdbx_stereo_config 
_chem_comp_bond.pdbx_ordinal 
ALA N   CA   sing N N 1   
ALA N   H    sing N N 2   
ALA N   H2   sing N N 3   
ALA CA  C    sing N N 4   
ALA CA  CB   sing N N 5   
ALA CA  HA   sing N N 6   
ALA C   O    doub N N 7   
ALA C   OXT  sing N N 8   
ALA CB  HB1  sing N N 9   
ALA CB  HB2  sing N N 10  
ALA CB  HB3  sing N N 11  
ALA OXT HXT  sing N N 12  
ARG N   CA   sing N N 13  
ARG N   H    sing N N 14  
ARG N   H2   sing N N 15  
ARG CA  C    sing N N 16  
ARG CA  CB   sing N N 17  
ARG CA  HA   sing N N 18  
ARG C   O    doub N N 19  
ARG C   OXT  sing N N 20  
ARG CB  CG   sing N N 21  
ARG CB  HB2  sing N N 22  
ARG CB  HB3  sing N N 23  
ARG CG  CD   sing N N 24  
ARG CG  HG2  sing N N 25  
ARG CG  HG3  sing N N 26  
ARG CD  NE   sing N N 27  
ARG CD  HD2  sing N N 28  
ARG CD  HD3  sing N N 29  
ARG NE  CZ   sing N N 30  
ARG NE  HE   sing N N 31  
ARG CZ  NH1  sing N N 32  
ARG CZ  NH2  doub N N 33  
ARG NH1 HH11 sing N N 34  
ARG NH1 HH12 sing N N 35  
ARG NH2 HH21 sing N N 36  
ARG NH2 HH22 sing N N 37  
ARG OXT HXT  sing N N 38  
ASN N   CA   sing N N 39  
ASN N   H    sing N N 40  
ASN N   H2   sing N N 41  
ASN CA  C    sing N N 42  
ASN CA  CB   sing N N 43  
ASN CA  HA   sing N N 44  
ASN C   O    doub N N 45  
ASN C   OXT  sing N N 46  
ASN CB  CG   sing N N 47  
ASN CB  HB2  sing N N 48  
ASN CB  HB3  sing N N 49  
ASN CG  OD1  doub N N 50  
ASN CG  ND2  sing N N 51  
ASN ND2 HD21 sing N N 52  
ASN ND2 HD22 sing N N 53  
ASN OXT HXT  sing N N 54  
ASP N   CA   sing N N 55  
ASP N   H    sing N N 56  
ASP N   H2   sing N N 57  
ASP CA  C    sing N N 58  
ASP CA  CB   sing N N 59  
ASP CA  HA   sing N N 60  
ASP C   O    doub N N 61  
ASP C   OXT  sing N N 62  
ASP CB  CG   sing N N 63  
ASP CB  HB2  sing N N 64  
ASP CB  HB3  sing N N 65  
ASP CG  OD1  doub N N 66  
ASP CG  OD2  sing N N 67  
ASP OD2 HD2  sing N N 68  
ASP OXT HXT  sing N N 69  
CYS N   CA   sing N N 70  
CYS N   H    sing N N 71  
CYS N   H2   sing N N 72  
CYS CA  C    sing N N 73  
CYS CA  CB   sing N N 74  
CYS CA  HA   sing N N 75  
CYS C   O    doub N N 76  
CYS C   OXT  sing N N 77  
CYS CB  SG   sing N N 78  
CYS CB  HB2  sing N N 79  
CYS CB  HB3  sing N N 80  
CYS SG  HG   sing N N 81  
CYS OXT HXT  sing N N 82  
GLN N   CA   sing N N 83  
GLN N   H    sing N N 84  
GLN N   H2   sing N N 85  
GLN CA  C    sing N N 86  
GLN CA  CB   sing N N 87  
GLN CA  HA   sing N N 88  
GLN C   O    doub N N 89  
GLN C   OXT  sing N N 90  
GLN CB  CG   sing N N 91  
GLN CB  HB2  sing N N 92  
GLN CB  HB3  sing N N 93  
GLN CG  CD   sing N N 94  
GLN CG  HG2  sing N N 95  
GLN CG  HG3  sing N N 96  
GLN CD  OE1  doub N N 97  
GLN CD  NE2  sing N N 98  
GLN NE2 HE21 sing N N 99  
GLN NE2 HE22 sing N N 100 
GLN OXT HXT  sing N N 101 
GLU N   CA   sing N N 102 
GLU N   H    sing N N 103 
GLU N   H2   sing N N 104 
GLU CA  C    sing N N 105 
GLU CA  CB   sing N N 106 
GLU CA  HA   sing N N 107 
GLU C   O    doub N N 108 
GLU C   OXT  sing N N 109 
GLU CB  CG   sing N N 110 
GLU CB  HB2  sing N N 111 
GLU CB  HB3  sing N N 112 
GLU CG  CD   sing N N 113 
GLU CG  HG2  sing N N 114 
GLU CG  HG3  sing N N 115 
GLU CD  OE1  doub N N 116 
GLU CD  OE2  sing N N 117 
GLU OE2 HE2  sing N N 118 
GLU OXT HXT  sing N N 119 
GLY N   CA   sing N N 120 
GLY N   H    sing N N 121 
GLY N   H2   sing N N 122 
GLY CA  C    sing N N 123 
GLY CA  HA2  sing N N 124 
GLY CA  HA3  sing N N 125 
GLY C   O    doub N N 126 
GLY C   OXT  sing N N 127 
GLY OXT HXT  sing N N 128 
GOL C1  O1   sing N N 129 
GOL C1  C2   sing N N 130 
GOL C1  H11  sing N N 131 
GOL C1  H12  sing N N 132 
GOL O1  HO1  sing N N 133 
GOL C2  O2   sing N N 134 
GOL C2  C3   sing N N 135 
GOL C2  H2   sing N N 136 
GOL O2  HO2  sing N N 137 
GOL C3  O3   sing N N 138 
GOL C3  H31  sing N N 139 
GOL C3  H32  sing N N 140 
GOL O3  HO3  sing N N 141 
HIS N   CA   sing N N 142 
HIS N   H    sing N N 143 
HIS N   H2   sing N N 144 
HIS CA  C    sing N N 145 
HIS CA  CB   sing N N 146 
HIS CA  HA   sing N N 147 
HIS C   O    doub N N 148 
HIS C   OXT  sing N N 149 
HIS CB  CG   sing N N 150 
HIS CB  HB2  sing N N 151 
HIS CB  HB3  sing N N 152 
HIS CG  ND1  sing Y N 153 
HIS CG  CD2  doub Y N 154 
HIS ND1 CE1  doub Y N 155 
HIS ND1 HD1  sing N N 156 
HIS CD2 NE2  sing Y N 157 
HIS CD2 HD2  sing N N 158 
HIS CE1 NE2  sing Y N 159 
HIS CE1 HE1  sing N N 160 
HIS NE2 HE2  sing N N 161 
HIS OXT HXT  sing N N 162 
HOH O   H1   sing N N 163 
HOH O   H2   sing N N 164 
ILE N   CA   sing N N 165 
ILE N   H    sing N N 166 
ILE N   H2   sing N N 167 
ILE CA  C    sing N N 168 
ILE CA  CB   sing N N 169 
ILE CA  HA   sing N N 170 
ILE C   O    doub N N 171 
ILE C   OXT  sing N N 172 
ILE CB  CG1  sing N N 173 
ILE CB  CG2  sing N N 174 
ILE CB  HB   sing N N 175 
ILE CG1 CD1  sing N N 176 
ILE CG1 HG12 sing N N 177 
ILE CG1 HG13 sing N N 178 
ILE CG2 HG21 sing N N 179 
ILE CG2 HG22 sing N N 180 
ILE CG2 HG23 sing N N 181 
ILE CD1 HD11 sing N N 182 
ILE CD1 HD12 sing N N 183 
ILE CD1 HD13 sing N N 184 
ILE OXT HXT  sing N N 185 
LEU N   CA   sing N N 186 
LEU N   H    sing N N 187 
LEU N   H2   sing N N 188 
LEU CA  C    sing N N 189 
LEU CA  CB   sing N N 190 
LEU CA  HA   sing N N 191 
LEU C   O    doub N N 192 
LEU C   OXT  sing N N 193 
LEU CB  CG   sing N N 194 
LEU CB  HB2  sing N N 195 
LEU CB  HB3  sing N N 196 
LEU CG  CD1  sing N N 197 
LEU CG  CD2  sing N N 198 
LEU CG  HG   sing N N 199 
LEU CD1 HD11 sing N N 200 
LEU CD1 HD12 sing N N 201 
LEU CD1 HD13 sing N N 202 
LEU CD2 HD21 sing N N 203 
LEU CD2 HD22 sing N N 204 
LEU CD2 HD23 sing N N 205 
LEU OXT HXT  sing N N 206 
LYS N   CA   sing N N 207 
LYS N   H    sing N N 208 
LYS N   H2   sing N N 209 
LYS CA  C    sing N N 210 
LYS CA  CB   sing N N 211 
LYS CA  HA   sing N N 212 
LYS C   O    doub N N 213 
LYS C   OXT  sing N N 214 
LYS CB  CG   sing N N 215 
LYS CB  HB2  sing N N 216 
LYS CB  HB3  sing N N 217 
LYS CG  CD   sing N N 218 
LYS CG  HG2  sing N N 219 
LYS CG  HG3  sing N N 220 
LYS CD  CE   sing N N 221 
LYS CD  HD2  sing N N 222 
LYS CD  HD3  sing N N 223 
LYS CE  NZ   sing N N 224 
LYS CE  HE2  sing N N 225 
LYS CE  HE3  sing N N 226 
LYS NZ  HZ1  sing N N 227 
LYS NZ  HZ2  sing N N 228 
LYS NZ  HZ3  sing N N 229 
LYS OXT HXT  sing N N 230 
MET N   CA   sing N N 231 
MET N   H    sing N N 232 
MET N   H2   sing N N 233 
MET CA  C    sing N N 234 
MET CA  CB   sing N N 235 
MET CA  HA   sing N N 236 
MET C   O    doub N N 237 
MET C   OXT  sing N N 238 
MET CB  CG   sing N N 239 
MET CB  HB2  sing N N 240 
MET CB  HB3  sing N N 241 
MET CG  SD   sing N N 242 
MET CG  HG2  sing N N 243 
MET CG  HG3  sing N N 244 
MET SD  CE   sing N N 245 
MET CE  HE1  sing N N 246 
MET CE  HE2  sing N N 247 
MET CE  HE3  sing N N 248 
MET OXT HXT  sing N N 249 
PHE N   CA   sing N N 250 
PHE N   H    sing N N 251 
PHE N   H2   sing N N 252 
PHE CA  C    sing N N 253 
PHE CA  CB   sing N N 254 
PHE CA  HA   sing N N 255 
PHE C   O    doub N N 256 
PHE C   OXT  sing N N 257 
PHE CB  CG   sing N N 258 
PHE CB  HB2  sing N N 259 
PHE CB  HB3  sing N N 260 
PHE CG  CD1  doub Y N 261 
PHE CG  CD2  sing Y N 262 
PHE CD1 CE1  sing Y N 263 
PHE CD1 HD1  sing N N 264 
PHE CD2 CE2  doub Y N 265 
PHE CD2 HD2  sing N N 266 
PHE CE1 CZ   doub Y N 267 
PHE CE1 HE1  sing N N 268 
PHE CE2 CZ   sing Y N 269 
PHE CE2 HE2  sing N N 270 
PHE CZ  HZ   sing N N 271 
PHE OXT HXT  sing N N 272 
PRO N   CA   sing N N 273 
PRO N   CD   sing N N 274 
PRO N   H    sing N N 275 
PRO CA  C    sing N N 276 
PRO CA  CB   sing N N 277 
PRO CA  HA   sing N N 278 
PRO C   O    doub N N 279 
PRO C   OXT  sing N N 280 
PRO CB  CG   sing N N 281 
PRO CB  HB2  sing N N 282 
PRO CB  HB3  sing N N 283 
PRO CG  CD   sing N N 284 
PRO CG  HG2  sing N N 285 
PRO CG  HG3  sing N N 286 
PRO CD  HD2  sing N N 287 
PRO CD  HD3  sing N N 288 
PRO OXT HXT  sing N N 289 
SER N   CA   sing N N 290 
SER N   H    sing N N 291 
SER N   H2   sing N N 292 
SER CA  C    sing N N 293 
SER CA  CB   sing N N 294 
SER CA  HA   sing N N 295 
SER C   O    doub N N 296 
SER C   OXT  sing N N 297 
SER CB  OG   sing N N 298 
SER CB  HB2  sing N N 299 
SER CB  HB3  sing N N 300 
SER OG  HG   sing N N 301 
SER OXT HXT  sing N N 302 
THR N   CA   sing N N 303 
THR N   H    sing N N 304 
THR N   H2   sing N N 305 
THR CA  C    sing N N 306 
THR CA  CB   sing N N 307 
THR CA  HA   sing N N 308 
THR C   O    doub N N 309 
THR C   OXT  sing N N 310 
THR CB  OG1  sing N N 311 
THR CB  CG2  sing N N 312 
THR CB  HB   sing N N 313 
THR OG1 HG1  sing N N 314 
THR CG2 HG21 sing N N 315 
THR CG2 HG22 sing N N 316 
THR CG2 HG23 sing N N 317 
THR OXT HXT  sing N N 318 
TRP N   CA   sing N N 319 
TRP N   H    sing N N 320 
TRP N   H2   sing N N 321 
TRP CA  C    sing N N 322 
TRP CA  CB   sing N N 323 
TRP CA  HA   sing N N 324 
TRP C   O    doub N N 325 
TRP C   OXT  sing N N 326 
TRP CB  CG   sing N N 327 
TRP CB  HB2  sing N N 328 
TRP CB  HB3  sing N N 329 
TRP CG  CD1  doub Y N 330 
TRP CG  CD2  sing Y N 331 
TRP CD1 NE1  sing Y N 332 
TRP CD1 HD1  sing N N 333 
TRP CD2 CE2  doub Y N 334 
TRP CD2 CE3  sing Y N 335 
TRP NE1 CE2  sing Y N 336 
TRP NE1 HE1  sing N N 337 
TRP CE2 CZ2  sing Y N 338 
TRP CE3 CZ3  doub Y N 339 
TRP CE3 HE3  sing N N 340 
TRP CZ2 CH2  doub Y N 341 
TRP CZ2 HZ2  sing N N 342 
TRP CZ3 CH2  sing Y N 343 
TRP CZ3 HZ3  sing N N 344 
TRP CH2 HH2  sing N N 345 
TRP OXT HXT  sing N N 346 
TYR N   CA   sing N N 347 
TYR N   H    sing N N 348 
TYR N   H2   sing N N 349 
TYR CA  C    sing N N 350 
TYR CA  CB   sing N N 351 
TYR CA  HA   sing N N 352 
TYR C   O    doub N N 353 
TYR C   OXT  sing N N 354 
TYR CB  CG   sing N N 355 
TYR CB  HB2  sing N N 356 
TYR CB  HB3  sing N N 357 
TYR CG  CD1  doub Y N 358 
TYR CG  CD2  sing Y N 359 
TYR CD1 CE1  sing Y N 360 
TYR CD1 HD1  sing N N 361 
TYR CD2 CE2  doub Y N 362 
TYR CD2 HD2  sing N N 363 
TYR CE1 CZ   doub Y N 364 
TYR CE1 HE1  sing N N 365 
TYR CE2 CZ   sing Y N 366 
TYR CE2 HE2  sing N N 367 
TYR CZ  OH   sing N N 368 
TYR OH  HH   sing N N 369 
TYR OXT HXT  sing N N 370 
VAL N   CA   sing N N 371 
VAL N   H    sing N N 372 
VAL N   H2   sing N N 373 
VAL CA  C    sing N N 374 
VAL CA  CB   sing N N 375 
VAL CA  HA   sing N N 376 
VAL C   O    doub N N 377 
VAL C   OXT  sing N N 378 
VAL CB  CG1  sing N N 379 
VAL CB  CG2  sing N N 380 
VAL CB  HB   sing N N 381 
VAL CG1 HG11 sing N N 382 
VAL CG1 HG12 sing N N 383 
VAL CG1 HG13 sing N N 384 
VAL CG2 HG21 sing N N 385 
VAL CG2 HG22 sing N N 386 
VAL CG2 HG23 sing N N 387 
VAL OXT HXT  sing N N 388 
# 
loop_
_pdbx_entity_nonpoly.entity_id 
_pdbx_entity_nonpoly.name 
_pdbx_entity_nonpoly.comp_id 
3 GLYCEROL GOL 
4 water    HOH 
# 
_pdbx_initial_refinement_model.id               1 
_pdbx_initial_refinement_model.entity_id_list   ? 
_pdbx_initial_refinement_model.type             'experimental model' 
_pdbx_initial_refinement_model.source_name      PDB 
_pdbx_initial_refinement_model.accession_code   2BRQ 
_pdbx_initial_refinement_model.details          'PDB ENTRY 2BRQ' 
# 
